data_1VEX
#
_entry.id   1VEX
#
_cell.length_a   1.000
_cell.length_b   1.000
_cell.length_c   1.000
_cell.angle_alpha   90.00
_cell.angle_beta   90.00
_cell.angle_gamma   90.00
#
_symmetry.space_group_name_H-M   'P 1'
#
_entity_poly.entity_id   1
_entity_poly.type   'polypeptide(L)'
_entity_poly.pdbx_seq_one_letter_code
;GSIPCLLSPWSEWSDCSVTCGKGMRTRQRMLKSLAELGDCNEDLEQAEKCMLPECP
;
_entity_poly.pdbx_strand_id   A
#
# COMPACT_ATOMS: atom_id res chain seq x y z
N GLY A 1 -12.44 -6.31 23.37
CA GLY A 1 -11.27 -6.58 22.53
C GLY A 1 -10.70 -5.30 21.98
N SER A 2 -9.65 -4.75 22.60
CA SER A 2 -9.01 -3.51 22.15
C SER A 2 -8.13 -3.84 20.94
N ILE A 3 -8.70 -3.74 19.75
CA ILE A 3 -8.03 -4.01 18.48
C ILE A 3 -7.43 -2.75 17.88
N PRO A 4 -6.48 -2.88 16.93
CA PRO A 4 -5.90 -1.74 16.26
C PRO A 4 -6.96 -1.07 15.38
N CYS A 5 -6.67 0.13 14.90
CA CYS A 5 -7.56 0.91 14.06
C CYS A 5 -8.04 0.13 12.83
N LEU A 6 -9.36 0.13 12.62
CA LEU A 6 -10.10 -0.51 11.55
C LEU A 6 -9.66 0.09 10.20
N LEU A 7 -8.83 -0.66 9.47
CA LEU A 7 -8.27 -0.28 8.18
C LEU A 7 -8.59 -1.38 7.18
N SER A 8 -8.86 -1.03 5.93
CA SER A 8 -9.14 -2.04 4.91
C SER A 8 -7.84 -2.82 4.59
N PRO A 9 -7.93 -4.03 4.00
CA PRO A 9 -6.74 -4.79 3.66
C PRO A 9 -6.03 -4.09 2.49
N TRP A 10 -4.72 -4.31 2.34
CA TRP A 10 -3.98 -3.71 1.26
C TRP A 10 -4.42 -4.37 -0.05
N SER A 11 -4.88 -3.55 -1.00
CA SER A 11 -5.32 -4.02 -2.31
C SER A 11 -4.13 -4.58 -3.09
N GLU A 12 -4.36 -5.34 -4.15
CA GLU A 12 -3.28 -5.92 -4.96
C GLU A 12 -2.38 -4.81 -5.54
N TRP A 13 -1.10 -5.12 -5.69
CA TRP A 13 -0.09 -4.22 -6.23
C TRP A 13 -0.31 -4.00 -7.73
N SER A 14 -0.13 -2.77 -8.17
CA SER A 14 -0.27 -2.42 -9.57
C SER A 14 1.03 -2.70 -10.30
N ASP A 15 1.10 -2.34 -11.59
CA ASP A 15 2.32 -2.55 -12.35
C ASP A 15 3.42 -1.67 -11.73
N CYS A 16 4.65 -2.09 -11.92
CA CYS A 16 5.83 -1.43 -11.42
C CYS A 16 6.03 -0.08 -12.11
N SER A 17 6.74 0.80 -11.42
CA SER A 17 7.07 2.15 -11.83
C SER A 17 8.07 2.19 -13.00
N VAL A 18 8.55 1.05 -13.48
CA VAL A 18 9.48 0.95 -14.58
C VAL A 18 9.06 -0.22 -15.47
N THR A 19 9.51 -0.21 -16.71
CA THR A 19 9.22 -1.27 -17.67
C THR A 19 10.40 -2.24 -17.74
N CYS A 20 11.61 -1.76 -17.47
CA CYS A 20 12.84 -2.53 -17.50
C CYS A 20 13.87 -1.91 -16.57
N GLY A 21 14.81 -2.71 -16.08
CA GLY A 21 15.87 -2.28 -15.20
C GLY A 21 15.41 -1.94 -13.79
N LYS A 22 16.24 -1.16 -13.07
CA LYS A 22 15.99 -0.74 -11.69
C LYS A 22 14.59 -0.12 -11.52
N GLY A 23 13.89 -0.38 -10.41
CA GLY A 23 12.56 0.18 -10.22
C GLY A 23 11.89 -0.19 -8.88
N MET A 24 10.69 0.35 -8.64
CA MET A 24 9.87 0.17 -7.45
C MET A 24 8.36 0.17 -7.81
N ARG A 25 7.49 -0.17 -6.87
CA ARG A 25 6.03 -0.22 -7.01
C ARG A 25 5.42 0.36 -5.73
N THR A 26 4.15 0.70 -5.75
CA THR A 26 3.44 1.25 -4.60
C THR A 26 2.00 0.75 -4.59
N ARG A 27 1.33 0.79 -3.44
CA ARG A 27 -0.06 0.40 -3.27
C ARG A 27 -0.58 1.15 -2.06
N GLN A 28 -1.90 1.32 -1.99
CA GLN A 28 -2.56 2.02 -0.92
C GLN A 28 -3.84 1.32 -0.52
N ARG A 29 -4.47 1.82 0.54
CA ARG A 29 -5.71 1.36 1.13
C ARG A 29 -6.40 2.57 1.74
N MET A 30 -7.54 2.37 2.40
CA MET A 30 -8.31 3.43 3.05
C MET A 30 -8.80 2.95 4.41
N LEU A 31 -9.11 3.90 5.30
CA LEU A 31 -9.64 3.56 6.63
C LEU A 31 -11.12 3.22 6.48
N LYS A 32 -11.63 2.34 7.35
CA LYS A 32 -13.04 1.93 7.32
C LYS A 32 -13.66 2.02 8.73
N SER A 33 -13.06 2.82 9.59
CA SER A 33 -13.41 3.09 10.97
C SER A 33 -14.66 3.97 11.10
N LEU A 34 -15.78 3.53 10.53
CA LEU A 34 -17.03 4.27 10.56
C LEU A 34 -17.51 4.45 12.00
N ALA A 35 -17.21 3.50 12.89
CA ALA A 35 -17.59 3.55 14.30
C ALA A 35 -16.80 4.60 15.08
N GLU A 36 -15.91 5.36 14.43
CA GLU A 36 -15.09 6.42 15.02
C GLU A 36 -14.34 5.92 16.26
N LEU A 37 -13.63 4.80 16.05
CA LEU A 37 -12.82 4.13 17.05
C LEU A 37 -11.74 5.04 17.66
N GLY A 38 -11.32 6.07 16.94
CA GLY A 38 -10.33 7.03 17.31
C GLY A 38 -9.77 7.59 16.01
N ASP A 39 -8.45 7.62 15.93
CA ASP A 39 -7.65 8.12 14.82
C ASP A 39 -6.21 7.65 15.06
N CYS A 40 -5.69 6.73 14.24
CA CYS A 40 -4.34 6.20 14.41
C CYS A 40 -3.35 6.73 13.36
N ASN A 41 -2.08 6.81 13.72
CA ASN A 41 -1.01 7.27 12.83
C ASN A 41 -0.61 6.17 11.84
N GLU A 42 -1.33 5.06 11.78
CA GLU A 42 -1.06 3.93 10.90
C GLU A 42 -1.03 4.36 9.43
N ASP A 43 -0.36 3.52 8.64
CA ASP A 43 -0.09 3.69 7.22
C ASP A 43 -1.25 3.31 6.30
N LEU A 44 -1.44 4.11 5.25
CA LEU A 44 -2.44 3.97 4.21
C LEU A 44 -1.77 3.73 2.85
N GLU A 45 -0.47 3.97 2.70
CA GLU A 45 0.29 3.79 1.47
C GLU A 45 1.61 3.09 1.83
N GLN A 46 2.10 2.24 0.93
CA GLN A 46 3.35 1.50 1.09
C GLN A 46 4.01 1.33 -0.28
N ALA A 47 5.32 1.23 -0.25
CA ALA A 47 6.19 1.06 -1.41
C ALA A 47 6.97 -0.26 -1.30
N GLU A 48 7.42 -0.80 -2.44
CA GLU A 48 8.17 -2.05 -2.55
C GLU A 48 9.16 -1.94 -3.71
N LYS A 49 10.25 -2.71 -3.67
CA LYS A 49 11.30 -2.75 -4.69
C LYS A 49 10.91 -3.74 -5.80
N CYS A 50 11.04 -3.37 -7.07
CA CYS A 50 10.72 -4.27 -8.17
C CYS A 50 11.46 -3.86 -9.43
N MET A 51 12.56 -4.55 -9.70
CA MET A 51 13.37 -4.29 -10.89
C MET A 51 12.85 -5.22 -11.97
N LEU A 52 12.62 -4.68 -13.16
CA LEU A 52 12.15 -5.42 -14.33
C LEU A 52 13.36 -5.95 -15.10
N PRO A 53 13.20 -6.85 -16.10
CA PRO A 53 14.34 -7.36 -16.87
C PRO A 53 14.96 -6.24 -17.73
N GLU A 54 15.96 -6.57 -18.56
CA GLU A 54 16.60 -5.59 -19.45
C GLU A 54 15.54 -5.03 -20.40
N CYS A 55 15.79 -3.84 -20.94
CA CYS A 55 14.86 -3.19 -21.84
C CYS A 55 14.77 -3.93 -23.18
N PRO A 56 13.56 -4.30 -23.63
CA PRO A 56 13.36 -4.98 -24.90
C PRO A 56 13.63 -4.01 -26.05
N GLY A 1 -14.37 -10.09 15.88
CA GLY A 1 -13.04 -10.02 16.52
C GLY A 1 -12.14 -9.20 15.64
N SER A 2 -11.80 -7.97 16.03
CA SER A 2 -10.95 -7.10 15.24
C SER A 2 -10.01 -6.30 16.14
N ILE A 3 -8.96 -5.77 15.53
CA ILE A 3 -7.92 -4.95 16.13
C ILE A 3 -8.37 -3.49 16.20
N PRO A 4 -7.72 -2.63 17.01
CA PRO A 4 -8.11 -1.24 17.07
C PRO A 4 -7.88 -0.50 15.74
N CYS A 5 -7.02 -1.04 14.87
CA CYS A 5 -6.71 -0.47 13.57
C CYS A 5 -7.71 -1.03 12.55
N LEU A 6 -8.96 -0.61 12.71
CA LEU A 6 -10.11 -0.99 11.92
C LEU A 6 -9.91 -0.48 10.49
N LEU A 7 -9.22 -1.22 9.65
CA LEU A 7 -8.89 -0.94 8.26
C LEU A 7 -9.06 -2.23 7.46
N SER A 8 -9.63 -2.17 6.25
CA SER A 8 -9.76 -3.38 5.44
C SER A 8 -8.36 -3.68 4.85
N PRO A 9 -8.10 -4.90 4.35
CA PRO A 9 -6.80 -5.25 3.81
C PRO A 9 -6.47 -4.43 2.58
N TRP A 10 -5.20 -4.07 2.45
CA TRP A 10 -4.67 -3.29 1.34
C TRP A 10 -5.02 -3.91 -0.01
N SER A 11 -5.25 -3.06 -1.00
CA SER A 11 -5.57 -3.48 -2.35
C SER A 11 -4.38 -4.29 -2.91
N GLU A 12 -4.64 -5.09 -3.94
CA GLU A 12 -3.58 -5.87 -4.56
C GLU A 12 -2.61 -4.89 -5.22
N TRP A 13 -1.31 -5.11 -5.06
CA TRP A 13 -0.28 -4.27 -5.64
C TRP A 13 -0.37 -4.23 -7.16
N SER A 14 0.03 -3.09 -7.73
CA SER A 14 0.04 -2.93 -9.17
C SER A 14 1.46 -3.33 -9.64
N ASP A 15 1.74 -3.08 -10.90
CA ASP A 15 3.03 -3.39 -11.51
C ASP A 15 4.08 -2.40 -11.04
N CYS A 16 5.35 -2.68 -11.31
CA CYS A 16 6.43 -1.78 -10.91
C CYS A 16 6.31 -0.50 -11.76
N SER A 17 6.74 0.64 -11.23
CA SER A 17 6.70 1.92 -11.94
C SER A 17 7.59 1.87 -13.18
N VAL A 18 8.53 0.91 -13.24
CA VAL A 18 9.46 0.71 -14.34
C VAL A 18 9.12 -0.60 -15.04
N THR A 19 9.62 -0.78 -16.25
CA THR A 19 9.41 -1.97 -17.07
C THR A 19 10.70 -2.80 -17.13
N CYS A 20 11.85 -2.18 -16.82
CA CYS A 20 13.17 -2.77 -16.81
C CYS A 20 14.05 -2.03 -15.79
N GLY A 21 14.96 -2.75 -15.15
CA GLY A 21 15.89 -2.25 -14.16
C GLY A 21 15.21 -1.87 -12.85
N LYS A 22 15.93 -1.09 -12.04
CA LYS A 22 15.52 -0.57 -10.75
C LYS A 22 14.17 0.14 -10.90
N GLY A 23 13.25 -0.11 -9.97
CA GLY A 23 11.92 0.45 -9.95
C GLY A 23 11.36 0.45 -8.53
N MET A 24 10.07 0.73 -8.39
CA MET A 24 9.30 0.77 -7.13
C MET A 24 7.83 0.92 -7.52
N ARG A 25 6.90 0.42 -6.71
CA ARG A 25 5.47 0.53 -6.95
C ARG A 25 4.82 1.13 -5.72
N THR A 26 3.54 1.44 -5.83
CA THR A 26 2.74 2.03 -4.78
C THR A 26 1.33 1.45 -4.87
N ARG A 27 0.58 1.45 -3.77
CA ARG A 27 -0.81 0.98 -3.67
C ARG A 27 -1.46 1.77 -2.56
N GLN A 28 -2.79 1.76 -2.50
CA GLN A 28 -3.54 2.48 -1.49
C GLN A 28 -4.75 1.67 -1.05
N ARG A 29 -5.49 2.23 -0.11
CA ARG A 29 -6.71 1.68 0.44
C ARG A 29 -7.57 2.83 0.94
N MET A 30 -8.80 2.53 1.33
CA MET A 30 -9.79 3.48 1.83
C MET A 30 -10.15 3.10 3.25
N LEU A 31 -10.10 4.04 4.20
CA LEU A 31 -10.46 3.79 5.59
C LEU A 31 -11.82 3.09 5.63
N LYS A 32 -11.93 2.05 6.45
CA LYS A 32 -13.12 1.24 6.63
C LYS A 32 -13.68 1.31 8.05
N SER A 33 -13.24 2.32 8.80
CA SER A 33 -13.67 2.57 10.16
C SER A 33 -15.20 2.72 10.20
N LEU A 34 -15.78 2.61 11.39
CA LEU A 34 -17.22 2.74 11.61
C LEU A 34 -17.54 4.03 12.38
N ALA A 35 -16.54 4.60 13.02
CA ALA A 35 -16.58 5.83 13.79
C ALA A 35 -15.38 6.63 13.32
N GLU A 36 -14.19 6.33 13.83
CA GLU A 36 -12.94 6.98 13.49
C GLU A 36 -11.76 6.03 13.70
N LEU A 37 -10.55 6.51 13.44
CA LEU A 37 -9.28 5.79 13.61
C LEU A 37 -8.18 6.83 13.73
N GLY A 38 -7.22 6.61 14.62
CA GLY A 38 -6.11 7.54 14.80
C GLY A 38 -5.08 7.04 15.81
N ASP A 39 -5.45 6.17 16.75
CA ASP A 39 -4.53 5.64 17.76
C ASP A 39 -3.40 4.82 17.14
N CYS A 40 -3.69 4.10 16.05
CA CYS A 40 -2.70 3.29 15.37
C CYS A 40 -1.82 4.12 14.44
N ASN A 41 -2.28 5.32 14.04
CA ASN A 41 -1.60 6.25 13.13
C ASN A 41 -1.18 5.59 11.79
N GLU A 42 -1.73 4.41 11.46
CA GLU A 42 -1.41 3.67 10.26
C GLU A 42 -1.81 4.48 9.01
N ASP A 43 -1.16 4.16 7.90
CA ASP A 43 -1.33 4.81 6.60
C ASP A 43 -2.39 4.18 5.70
N LEU A 44 -2.75 4.92 4.66
CA LEU A 44 -3.70 4.53 3.61
C LEU A 44 -2.99 4.34 2.26
N GLU A 45 -1.69 4.64 2.18
CA GLU A 45 -0.84 4.48 1.00
C GLU A 45 0.44 3.76 1.43
N GLN A 46 0.97 2.90 0.56
CA GLN A 46 2.19 2.12 0.77
C GLN A 46 3.01 2.11 -0.51
N ALA A 47 4.32 1.91 -0.36
CA ALA A 47 5.32 1.85 -1.42
C ALA A 47 6.17 0.60 -1.25
N GLU A 48 6.70 0.07 -2.36
CA GLU A 48 7.53 -1.12 -2.36
C GLU A 48 8.49 -1.12 -3.55
N LYS A 49 9.79 -1.03 -3.26
CA LYS A 49 10.87 -1.07 -4.25
C LYS A 49 10.74 -2.40 -4.99
N CYS A 50 11.00 -2.41 -6.29
CA CYS A 50 10.93 -3.61 -7.12
C CYS A 50 11.98 -3.45 -8.22
N MET A 51 12.47 -4.50 -8.88
CA MET A 51 13.49 -4.34 -9.92
C MET A 51 13.29 -5.35 -11.04
N LEU A 52 12.92 -4.84 -12.20
CA LEU A 52 12.70 -5.62 -13.40
C LEU A 52 14.06 -5.96 -14.05
N PRO A 53 14.13 -6.89 -15.02
CA PRO A 53 15.37 -7.25 -15.72
C PRO A 53 15.82 -6.10 -16.63
N GLU A 54 16.94 -6.22 -17.35
CA GLU A 54 17.39 -5.14 -18.22
C GLU A 54 16.38 -4.87 -19.34
N CYS A 55 16.43 -3.67 -19.90
CA CYS A 55 15.54 -3.24 -20.96
C CYS A 55 15.66 -4.12 -22.20
N PRO A 56 14.53 -4.63 -22.74
CA PRO A 56 14.52 -5.49 -23.92
C PRO A 56 14.92 -4.70 -25.16
N GLY A 1 -11.81 -6.81 23.95
CA GLY A 1 -11.50 -5.39 23.85
C GLY A 1 -11.06 -5.05 22.44
N SER A 2 -12.03 -4.80 21.56
CA SER A 2 -11.78 -4.45 20.18
C SER A 2 -11.14 -3.06 20.18
N ILE A 3 -9.90 -2.92 19.69
CA ILE A 3 -9.21 -1.64 19.65
C ILE A 3 -9.93 -0.62 18.76
N PRO A 4 -9.68 0.69 18.95
CA PRO A 4 -10.33 1.70 18.14
C PRO A 4 -9.89 1.72 16.67
N CYS A 5 -8.69 1.23 16.36
CA CYS A 5 -8.16 1.20 15.00
C CYS A 5 -8.92 0.15 14.20
N LEU A 6 -9.46 0.53 13.03
CA LEU A 6 -10.21 -0.35 12.17
C LEU A 6 -9.88 0.04 10.73
N LEU A 7 -9.10 -0.82 10.05
CA LEU A 7 -8.66 -0.60 8.67
C LEU A 7 -8.98 -1.81 7.81
N SER A 8 -9.12 -1.59 6.51
CA SER A 8 -9.40 -2.62 5.51
C SER A 8 -8.12 -3.43 5.25
N PRO A 9 -8.21 -4.63 4.64
CA PRO A 9 -7.01 -5.39 4.31
C PRO A 9 -6.37 -4.68 3.11
N TRP A 10 -5.13 -5.02 2.77
CA TRP A 10 -4.49 -4.41 1.63
C TRP A 10 -5.05 -5.09 0.38
N SER A 11 -4.87 -4.42 -0.76
CA SER A 11 -5.28 -4.89 -2.05
C SER A 11 -4.07 -5.55 -2.72
N GLU A 12 -4.29 -6.09 -3.90
CA GLU A 12 -3.25 -6.72 -4.68
C GLU A 12 -2.40 -5.57 -5.25
N TRP A 13 -1.09 -5.71 -5.23
CA TRP A 13 -0.14 -4.73 -5.75
C TRP A 13 -0.43 -4.36 -7.20
N SER A 14 0.02 -3.17 -7.59
CA SER A 14 -0.14 -2.65 -8.94
C SER A 14 1.27 -2.51 -9.55
N ASP A 15 1.32 -2.45 -10.88
CA ASP A 15 2.51 -2.35 -11.71
C ASP A 15 3.48 -1.25 -11.29
N CYS A 16 4.78 -1.57 -11.39
CA CYS A 16 5.86 -0.66 -11.04
C CYS A 16 5.95 0.54 -11.99
N SER A 17 6.55 1.60 -11.46
CA SER A 17 6.81 2.90 -12.07
C SER A 17 7.94 2.84 -13.12
N VAL A 18 8.29 1.65 -13.61
CA VAL A 18 9.33 1.43 -14.59
C VAL A 18 8.94 0.18 -15.35
N THR A 19 9.41 0.05 -16.58
CA THR A 19 9.14 -1.13 -17.40
C THR A 19 10.37 -2.02 -17.40
N CYS A 20 11.57 -1.46 -17.21
CA CYS A 20 12.83 -2.17 -17.19
C CYS A 20 13.80 -1.47 -16.23
N GLY A 21 14.59 -2.24 -15.52
CA GLY A 21 15.57 -1.78 -14.56
C GLY A 21 14.96 -1.37 -13.22
N LYS A 22 15.77 -0.69 -12.41
CA LYS A 22 15.43 -0.19 -11.09
C LYS A 22 14.10 0.56 -11.10
N GLY A 23 13.19 0.22 -10.20
CA GLY A 23 11.86 0.81 -10.09
C GLY A 23 11.24 0.65 -8.71
N MET A 24 9.99 1.07 -8.57
CA MET A 24 9.22 0.97 -7.34
C MET A 24 7.73 0.90 -7.67
N ARG A 25 6.95 0.26 -6.81
CA ARG A 25 5.49 0.14 -6.92
C ARG A 25 4.89 0.54 -5.59
N THR A 26 3.59 0.78 -5.60
CA THR A 26 2.81 1.13 -4.42
C THR A 26 1.50 0.35 -4.45
N ARG A 27 0.80 0.34 -3.33
CA ARG A 27 -0.50 -0.28 -3.14
C ARG A 27 -1.14 0.52 -2.04
N GLN A 28 -2.45 0.78 -2.12
CA GLN A 28 -3.19 1.57 -1.17
C GLN A 28 -4.51 0.91 -0.81
N ARG A 29 -5.07 1.26 0.33
CA ARG A 29 -6.33 0.72 0.80
C ARG A 29 -7.21 1.85 1.27
N MET A 30 -8.46 1.76 0.87
CA MET A 30 -9.49 2.72 1.21
C MET A 30 -9.93 2.32 2.62
N LEU A 31 -9.86 3.26 3.58
CA LEU A 31 -10.21 3.07 5.00
C LEU A 31 -11.59 2.40 5.19
N LYS A 32 -11.82 1.75 6.35
CA LYS A 32 -13.07 1.05 6.67
C LYS A 32 -13.72 1.54 7.97
N SER A 33 -13.28 2.66 8.52
CA SER A 33 -13.82 3.21 9.75
C SER A 33 -15.36 3.34 9.68
N LEU A 34 -16.00 3.27 10.84
CA LEU A 34 -17.45 3.34 11.00
C LEU A 34 -17.89 4.52 11.87
N ALA A 35 -16.94 5.14 12.58
CA ALA A 35 -17.18 6.26 13.45
C ALA A 35 -16.07 7.28 13.19
N GLU A 36 -14.87 6.96 13.68
CA GLU A 36 -13.66 7.79 13.56
C GLU A 36 -12.43 6.88 13.47
N LEU A 37 -11.26 7.47 13.20
CA LEU A 37 -9.98 6.78 13.10
C LEU A 37 -8.91 7.81 13.41
N GLY A 38 -7.98 7.52 14.31
CA GLY A 38 -6.90 8.42 14.68
C GLY A 38 -6.06 7.92 15.85
N ASP A 39 -6.35 6.73 16.40
CA ASP A 39 -5.61 6.19 17.53
C ASP A 39 -4.28 5.59 17.09
N CYS A 40 -4.30 4.69 16.10
CA CYS A 40 -3.11 4.05 15.59
C CYS A 40 -2.38 5.01 14.65
N ASN A 41 -1.13 4.68 14.36
CA ASN A 41 -0.25 5.45 13.51
C ASN A 41 0.00 4.73 12.18
N GLU A 42 -0.80 3.70 11.88
CA GLU A 42 -0.76 2.86 10.70
C GLU A 42 -0.87 3.67 9.40
N ASP A 43 -0.60 3.01 8.26
CA ASP A 43 -0.62 3.64 6.93
C ASP A 43 -1.73 3.12 6.03
N LEU A 44 -2.14 3.94 5.06
CA LEU A 44 -3.18 3.67 4.06
C LEU A 44 -2.54 3.29 2.72
N GLU A 45 -1.31 3.72 2.45
CA GLU A 45 -0.57 3.42 1.22
C GLU A 45 0.82 2.97 1.62
N GLN A 46 1.39 2.04 0.87
CA GLN A 46 2.72 1.50 1.08
C GLN A 46 3.41 1.39 -0.27
N ALA A 47 4.73 1.28 -0.23
CA ALA A 47 5.62 1.18 -1.37
C ALA A 47 6.54 -0.02 -1.26
N GLU A 48 7.06 -0.52 -2.39
CA GLU A 48 7.96 -1.67 -2.43
C GLU A 48 8.93 -1.52 -3.60
N LYS A 49 10.21 -1.81 -3.37
CA LYS A 49 11.25 -1.71 -4.39
C LYS A 49 11.16 -2.89 -5.33
N CYS A 50 11.38 -2.62 -6.61
CA CYS A 50 11.34 -3.62 -7.65
C CYS A 50 12.48 -3.34 -8.63
N MET A 51 12.87 -4.32 -9.43
CA MET A 51 13.93 -4.16 -10.41
C MET A 51 13.51 -5.00 -11.59
N LEU A 52 12.85 -4.35 -12.54
CA LEU A 52 12.42 -5.03 -13.74
C LEU A 52 13.67 -5.43 -14.55
N PRO A 53 13.54 -6.29 -15.56
CA PRO A 53 14.66 -6.72 -16.40
C PRO A 53 15.20 -5.54 -17.20
N GLU A 54 16.33 -5.72 -17.89
CA GLU A 54 16.96 -4.69 -18.71
C GLU A 54 16.10 -4.41 -19.94
N CYS A 55 16.10 -3.15 -20.40
CA CYS A 55 15.33 -2.74 -21.57
C CYS A 55 16.00 -3.26 -22.85
N PRO A 56 15.33 -4.10 -23.65
CA PRO A 56 15.88 -4.58 -24.91
C PRO A 56 15.79 -3.42 -25.91
N GLY A 1 -10.62 -0.13 25.00
CA GLY A 1 -9.16 -0.06 24.88
C GLY A 1 -8.60 -1.28 24.20
N SER A 2 -7.30 -1.25 23.88
CA SER A 2 -6.54 -2.30 23.21
C SER A 2 -7.26 -2.91 21.99
N ILE A 3 -8.08 -2.13 21.30
CA ILE A 3 -8.84 -2.56 20.13
C ILE A 3 -7.93 -2.77 18.92
N PRO A 4 -8.36 -3.55 17.93
CA PRO A 4 -7.58 -3.75 16.72
C PRO A 4 -7.68 -2.48 15.86
N CYS A 5 -6.78 -2.33 14.90
CA CYS A 5 -6.82 -1.19 14.00
C CYS A 5 -7.99 -1.46 13.05
N LEU A 6 -9.13 -0.78 13.23
CA LEU A 6 -10.28 -0.97 12.37
C LEU A 6 -9.99 -0.33 11.02
N LEU A 7 -9.45 -1.13 10.12
CA LEU A 7 -9.06 -0.77 8.77
C LEU A 7 -9.59 -1.86 7.85
N SER A 8 -9.29 -1.77 6.56
CA SER A 8 -9.67 -2.71 5.53
C SER A 8 -8.39 -3.42 5.10
N PRO A 9 -8.49 -4.55 4.40
CA PRO A 9 -7.29 -5.21 3.92
C PRO A 9 -6.69 -4.29 2.84
N TRP A 10 -5.38 -4.37 2.67
CA TRP A 10 -4.70 -3.57 1.67
C TRP A 10 -5.09 -4.10 0.29
N SER A 11 -5.26 -3.20 -0.68
CA SER A 11 -5.61 -3.61 -2.03
C SER A 11 -4.46 -4.43 -2.62
N GLU A 12 -4.73 -5.20 -3.67
CA GLU A 12 -3.69 -6.00 -4.29
C GLU A 12 -2.61 -5.11 -4.92
N TRP A 13 -1.39 -5.64 -4.96
CA TRP A 13 -0.23 -5.00 -5.54
C TRP A 13 -0.31 -5.13 -7.07
N SER A 14 0.60 -4.45 -7.75
CA SER A 14 0.77 -4.50 -9.20
C SER A 14 2.23 -4.86 -9.43
N ASP A 15 2.59 -4.96 -10.70
CA ASP A 15 3.91 -5.25 -11.24
C ASP A 15 4.91 -4.28 -10.65
N CYS A 16 5.12 -3.12 -11.28
CA CYS A 16 6.00 -2.04 -10.90
C CYS A 16 5.63 -0.85 -11.79
N SER A 17 5.88 0.37 -11.33
CA SER A 17 5.59 1.57 -12.10
C SER A 17 6.39 1.53 -13.40
N VAL A 18 7.72 1.37 -13.29
CA VAL A 18 8.61 1.30 -14.43
C VAL A 18 8.49 -0.08 -15.11
N THR A 19 9.02 -0.22 -16.32
CA THR A 19 9.01 -1.47 -17.06
C THR A 19 10.43 -2.05 -17.14
N CYS A 20 11.48 -1.25 -16.90
CA CYS A 20 12.87 -1.66 -16.92
C CYS A 20 13.69 -0.83 -15.93
N GLY A 21 14.81 -1.38 -15.46
CA GLY A 21 15.71 -0.74 -14.51
C GLY A 21 15.07 -0.37 -13.17
N LYS A 22 15.61 0.66 -12.50
CA LYS A 22 15.15 1.19 -11.21
C LYS A 22 13.65 1.44 -11.21
N GLY A 23 12.93 0.89 -10.24
CA GLY A 23 11.49 1.05 -10.13
C GLY A 23 10.96 0.68 -8.75
N MET A 24 9.65 0.73 -8.59
CA MET A 24 8.93 0.42 -7.36
C MET A 24 7.44 0.31 -7.71
N ARG A 25 6.66 -0.32 -6.82
CA ARG A 25 5.23 -0.50 -6.94
C ARG A 25 4.59 0.13 -5.70
N THR A 26 3.29 0.35 -5.72
CA THR A 26 2.55 0.93 -4.59
C THR A 26 1.14 0.30 -4.55
N ARG A 27 0.47 0.38 -3.42
CA ARG A 27 -0.89 -0.10 -3.17
C ARG A 27 -1.43 0.77 -2.04
N GLN A 28 -2.74 0.95 -1.96
CA GLN A 28 -3.37 1.76 -0.94
C GLN A 28 -4.70 1.16 -0.50
N ARG A 29 -5.38 1.79 0.46
CA ARG A 29 -6.66 1.41 1.02
C ARG A 29 -7.34 2.68 1.55
N MET A 30 -8.66 2.66 1.65
CA MET A 30 -9.42 3.79 2.18
C MET A 30 -9.85 3.39 3.57
N LEU A 31 -9.70 4.26 4.56
CA LEU A 31 -10.03 4.03 5.97
C LEU A 31 -11.43 3.42 6.14
N LYS A 32 -11.45 2.18 6.60
CA LYS A 32 -12.68 1.41 6.83
C LYS A 32 -13.44 1.96 8.04
N SER A 33 -12.80 2.75 8.90
CA SER A 33 -13.42 3.33 10.06
C SER A 33 -14.11 4.61 9.65
N LEU A 34 -15.42 4.55 9.44
CA LEU A 34 -16.22 5.73 9.09
C LEU A 34 -16.16 6.74 10.23
N ALA A 35 -15.90 6.24 11.44
CA ALA A 35 -15.76 6.99 12.67
C ALA A 35 -14.35 7.57 12.80
N GLU A 36 -13.44 7.32 11.83
CA GLU A 36 -12.07 7.79 11.74
C GLU A 36 -11.33 7.68 13.08
N LEU A 37 -11.29 6.44 13.58
CA LEU A 37 -10.67 6.06 14.86
C LEU A 37 -9.30 6.68 15.13
N GLY A 38 -8.34 6.59 14.20
CA GLY A 38 -6.99 7.14 14.36
C GLY A 38 -6.29 6.69 15.66
N ASP A 39 -6.56 5.46 16.10
CA ASP A 39 -5.97 4.85 17.31
C ASP A 39 -4.55 4.41 16.94
N CYS A 40 -4.45 3.59 15.90
CA CYS A 40 -3.20 3.08 15.36
C CYS A 40 -2.67 4.09 14.35
N ASN A 41 -1.36 4.31 14.30
CA ASN A 41 -0.75 5.23 13.36
C ASN A 41 -0.40 4.46 12.08
N GLU A 42 -1.29 3.57 11.62
CA GLU A 42 -1.09 2.82 10.40
C GLU A 42 -1.31 3.80 9.25
N ASP A 43 -0.94 3.39 8.05
CA ASP A 43 -1.04 4.25 6.87
C ASP A 43 -2.00 3.74 5.82
N LEU A 44 -2.51 4.65 4.97
CA LEU A 44 -3.46 4.37 3.90
C LEU A 44 -2.75 3.95 2.61
N GLU A 45 -1.50 4.37 2.42
CA GLU A 45 -0.72 4.05 1.24
C GLU A 45 0.63 3.46 1.64
N GLN A 46 1.13 2.54 0.80
CA GLN A 46 2.39 1.84 0.95
C GLN A 46 3.12 1.80 -0.40
N ALA A 47 4.41 1.44 -0.34
CA ALA A 47 5.30 1.31 -1.48
C ALA A 47 6.26 0.15 -1.26
N GLU A 48 6.91 -0.32 -2.33
CA GLU A 48 7.88 -1.40 -2.29
C GLU A 48 8.77 -1.30 -3.53
N LYS A 49 10.08 -1.22 -3.32
CA LYS A 49 11.09 -1.13 -4.38
C LYS A 49 11.05 -2.41 -5.22
N CYS A 50 11.27 -2.29 -6.53
CA CYS A 50 11.29 -3.43 -7.42
C CYS A 50 12.09 -3.03 -8.65
N MET A 51 13.26 -3.64 -8.85
CA MET A 51 14.13 -3.33 -9.99
C MET A 51 13.82 -4.30 -11.10
N LEU A 52 13.45 -3.76 -12.25
CA LEU A 52 13.10 -4.52 -13.44
C LEU A 52 14.37 -4.81 -14.24
N PRO A 53 14.32 -5.75 -15.19
CA PRO A 53 15.47 -6.06 -16.02
C PRO A 53 15.74 -4.88 -16.97
N GLU A 54 16.75 -5.02 -17.80
CA GLU A 54 17.22 -4.06 -18.77
C GLU A 54 16.11 -3.61 -19.73
N CYS A 55 16.21 -2.36 -20.18
CA CYS A 55 15.24 -1.77 -21.11
C CYS A 55 15.45 -2.38 -22.51
N PRO A 56 14.40 -2.95 -23.15
CA PRO A 56 14.50 -3.55 -24.48
C PRO A 56 14.67 -2.45 -25.54
N GLY A 1 -12.20 -9.66 16.69
CA GLY A 1 -11.13 -9.04 15.90
C GLY A 1 -10.72 -7.68 16.47
N SER A 2 -10.04 -7.62 17.63
CA SER A 2 -9.60 -6.36 18.23
C SER A 2 -8.26 -5.97 17.60
N ILE A 3 -8.14 -4.71 17.18
CA ILE A 3 -6.99 -4.07 16.55
C ILE A 3 -6.94 -2.62 17.02
N PRO A 4 -5.83 -1.88 16.82
CA PRO A 4 -5.81 -0.51 17.25
C PRO A 4 -6.55 0.43 16.28
N CYS A 5 -6.59 0.08 15.00
CA CYS A 5 -7.24 0.83 13.94
C CYS A 5 -8.02 -0.09 13.01
N LEU A 6 -9.33 0.13 12.87
CA LEU A 6 -10.18 -0.68 12.00
C LEU A 6 -9.94 -0.28 10.54
N LEU A 7 -8.87 -0.79 9.96
CA LEU A 7 -8.46 -0.53 8.58
C LEU A 7 -8.90 -1.62 7.63
N SER A 8 -8.93 -1.30 6.34
CA SER A 8 -9.30 -2.25 5.30
C SER A 8 -8.06 -3.08 4.95
N PRO A 9 -8.22 -4.28 4.37
CA PRO A 9 -7.07 -5.07 3.96
C PRO A 9 -6.45 -4.31 2.76
N TRP A 10 -5.15 -4.46 2.53
CA TRP A 10 -4.47 -3.79 1.44
C TRP A 10 -5.09 -4.12 0.08
N SER A 11 -5.11 -3.14 -0.84
CA SER A 11 -5.63 -3.36 -2.18
C SER A 11 -4.62 -4.24 -2.93
N GLU A 12 -4.98 -4.75 -4.10
CA GLU A 12 -4.06 -5.58 -4.86
C GLU A 12 -2.90 -4.68 -5.34
N TRP A 13 -1.69 -5.22 -5.28
CA TRP A 13 -0.50 -4.52 -5.70
C TRP A 13 -0.55 -4.13 -7.17
N SER A 14 0.03 -2.98 -7.50
CA SER A 14 0.12 -2.49 -8.86
C SER A 14 1.26 -3.28 -9.54
N ASP A 15 1.62 -2.97 -10.78
CA ASP A 15 2.70 -3.66 -11.48
C ASP A 15 4.04 -3.17 -10.93
N CYS A 16 4.25 -1.85 -10.97
CA CYS A 16 5.38 -1.06 -10.51
C CYS A 16 5.16 0.39 -11.00
N SER A 17 6.18 1.25 -10.90
CA SER A 17 6.17 2.64 -11.31
C SER A 17 7.23 2.88 -12.40
N VAL A 18 7.71 1.83 -13.07
CA VAL A 18 8.70 1.88 -14.13
C VAL A 18 8.33 0.71 -15.06
N THR A 19 8.90 0.67 -16.27
CA THR A 19 8.64 -0.40 -17.24
C THR A 19 9.93 -1.12 -17.64
N CYS A 20 11.08 -0.62 -17.20
CA CYS A 20 12.39 -1.18 -17.42
C CYS A 20 13.33 -0.69 -16.34
N GLY A 21 14.33 -1.51 -16.02
CA GLY A 21 15.34 -1.24 -15.03
C GLY A 21 14.82 -1.09 -13.61
N LYS A 22 15.72 -0.62 -12.74
CA LYS A 22 15.46 -0.39 -11.33
C LYS A 22 14.19 0.44 -11.17
N GLY A 23 13.34 0.05 -10.22
CA GLY A 23 12.09 0.71 -9.91
C GLY A 23 11.75 0.52 -8.44
N MET A 24 10.53 0.89 -8.07
CA MET A 24 9.93 0.81 -6.73
C MET A 24 8.42 0.79 -6.92
N ARG A 25 7.74 -0.26 -6.45
CA ARG A 25 6.30 -0.41 -6.54
C ARG A 25 5.66 0.06 -5.24
N THR A 26 4.39 0.44 -5.31
CA THR A 26 3.59 0.90 -4.19
C THR A 26 2.14 0.39 -4.37
N ARG A 27 1.33 0.50 -3.32
CA ARG A 27 -0.08 0.15 -3.25
C ARG A 27 -0.64 0.89 -2.04
N GLN A 28 -1.96 0.97 -1.90
CA GLN A 28 -2.57 1.67 -0.79
C GLN A 28 -3.87 1.01 -0.36
N ARG A 29 -4.55 1.65 0.60
CA ARG A 29 -5.83 1.25 1.18
C ARG A 29 -6.39 2.47 1.92
N MET A 30 -7.54 2.28 2.57
CA MET A 30 -8.24 3.28 3.35
C MET A 30 -8.75 2.63 4.63
N LEU A 31 -9.29 3.46 5.53
CA LEU A 31 -9.85 2.99 6.79
C LEU A 31 -11.20 2.31 6.53
N LYS A 32 -11.68 1.53 7.50
CA LYS A 32 -12.94 0.79 7.43
C LYS A 32 -13.83 1.04 8.65
N SER A 33 -13.35 1.81 9.63
CA SER A 33 -14.05 2.15 10.85
C SER A 33 -15.41 2.79 10.56
N LEU A 34 -16.48 2.20 11.10
CA LEU A 34 -17.83 2.72 10.91
C LEU A 34 -18.15 3.85 11.91
N ALA A 35 -17.61 3.76 13.13
CA ALA A 35 -17.81 4.74 14.19
C ALA A 35 -16.93 5.97 13.94
N GLU A 36 -15.71 6.02 14.47
CA GLU A 36 -14.80 7.15 14.30
C GLU A 36 -13.36 6.70 14.56
N LEU A 37 -12.43 7.09 13.67
CA LEU A 37 -10.99 6.83 13.72
C LEU A 37 -10.36 7.59 12.54
N GLY A 38 -9.04 7.79 12.55
CA GLY A 38 -8.34 8.49 11.48
C GLY A 38 -6.87 8.74 11.82
N ASP A 39 -6.58 9.16 13.04
CA ASP A 39 -5.22 9.46 13.53
C ASP A 39 -4.45 8.20 13.93
N CYS A 40 -4.80 7.05 13.34
CA CYS A 40 -4.15 5.78 13.62
C CYS A 40 -2.67 5.84 13.29
N ASN A 41 -1.87 5.11 14.07
CA ASN A 41 -0.42 5.04 13.93
C ASN A 41 0.04 4.13 12.79
N GLU A 42 -0.89 3.49 12.08
CA GLU A 42 -0.64 2.59 10.97
C GLU A 42 -0.50 3.39 9.66
N ASP A 43 -0.24 2.70 8.54
CA ASP A 43 -0.10 3.33 7.22
C ASP A 43 -1.24 2.89 6.31
N LEU A 44 -1.53 3.76 5.35
CA LEU A 44 -2.52 3.60 4.30
C LEU A 44 -1.76 3.35 2.99
N GLU A 45 -0.45 3.62 2.93
CA GLU A 45 0.44 3.43 1.77
C GLU A 45 1.46 2.33 2.12
N GLN A 46 1.85 1.55 1.12
CA GLN A 46 2.83 0.47 1.22
C GLN A 46 3.75 0.56 0.01
N ALA A 47 4.96 0.01 0.15
CA ALA A 47 5.99 0.01 -0.87
C ALA A 47 6.75 -1.31 -0.89
N GLU A 48 7.31 -1.66 -2.06
CA GLU A 48 8.09 -2.87 -2.29
C GLU A 48 9.07 -2.61 -3.44
N LYS A 49 10.26 -3.19 -3.43
CA LYS A 49 11.23 -2.97 -4.51
C LYS A 49 10.81 -3.70 -5.78
N CYS A 50 11.31 -3.24 -6.91
CA CYS A 50 11.05 -3.85 -8.20
C CYS A 50 12.22 -3.47 -9.09
N MET A 51 12.56 -4.29 -10.07
CA MET A 51 13.64 -4.03 -11.00
C MET A 51 13.24 -4.75 -12.28
N LEU A 52 12.57 -4.02 -13.16
CA LEU A 52 12.13 -4.55 -14.43
C LEU A 52 13.37 -4.90 -15.27
N PRO A 53 13.22 -5.67 -16.36
CA PRO A 53 14.34 -6.03 -17.22
C PRO A 53 14.78 -4.78 -18.01
N GLU A 54 15.79 -4.91 -18.86
CA GLU A 54 16.25 -3.78 -19.65
C GLU A 54 15.14 -3.31 -20.59
N CYS A 55 15.19 -2.03 -20.95
CA CYS A 55 14.21 -1.41 -21.83
C CYS A 55 14.18 -2.11 -23.20
N PRO A 56 12.98 -2.26 -23.80
CA PRO A 56 12.78 -2.91 -25.09
C PRO A 56 13.13 -2.01 -26.27
N GLY A 1 -14.33 -10.90 19.45
CA GLY A 1 -14.60 -9.51 19.81
C GLY A 1 -14.13 -8.53 18.74
N SER A 2 -14.62 -7.30 18.83
CA SER A 2 -14.30 -6.21 17.92
C SER A 2 -12.82 -5.79 18.10
N ILE A 3 -12.31 -4.98 17.16
CA ILE A 3 -10.92 -4.49 17.19
C ILE A 3 -10.90 -2.96 17.13
N PRO A 4 -9.83 -2.31 17.63
CA PRO A 4 -9.74 -0.86 17.65
C PRO A 4 -9.60 -0.22 16.27
N CYS A 5 -8.37 -0.15 15.75
CA CYS A 5 -7.98 0.42 14.47
C CYS A 5 -8.51 -0.48 13.35
N LEU A 6 -9.79 -0.34 13.05
CA LEU A 6 -10.49 -1.09 12.04
C LEU A 6 -10.02 -0.61 10.66
N LEU A 7 -9.17 -1.41 10.02
CA LEU A 7 -8.58 -1.14 8.71
C LEU A 7 -9.06 -2.13 7.67
N SER A 8 -9.03 -1.74 6.40
CA SER A 8 -9.45 -2.61 5.29
C SER A 8 -8.25 -3.48 4.90
N PRO A 9 -8.43 -4.60 4.16
CA PRO A 9 -7.30 -5.40 3.75
C PRO A 9 -6.59 -4.61 2.64
N TRP A 10 -5.27 -4.74 2.51
CA TRP A 10 -4.54 -4.05 1.46
C TRP A 10 -5.01 -4.58 0.11
N SER A 11 -5.07 -3.69 -0.88
CA SER A 11 -5.46 -4.07 -2.21
C SER A 11 -4.26 -4.78 -2.85
N GLU A 12 -4.46 -5.27 -4.07
CA GLU A 12 -3.43 -5.95 -4.81
C GLU A 12 -2.35 -4.93 -5.19
N TRP A 13 -1.07 -5.31 -5.06
CA TRP A 13 0.02 -4.45 -5.45
C TRP A 13 -0.09 -4.20 -6.95
N SER A 14 0.23 -2.99 -7.36
CA SER A 14 0.23 -2.66 -8.77
C SER A 14 1.56 -3.21 -9.30
N ASP A 15 1.64 -3.38 -10.61
CA ASP A 15 2.78 -3.92 -11.34
C ASP A 15 4.10 -3.31 -10.90
N CYS A 16 4.36 -2.06 -11.27
CA CYS A 16 5.54 -1.24 -10.98
C CYS A 16 5.22 0.18 -11.49
N SER A 17 6.22 1.05 -11.59
CA SER A 17 6.11 2.41 -12.09
C SER A 17 7.23 2.69 -13.11
N VAL A 18 7.82 1.66 -13.71
CA VAL A 18 8.88 1.74 -14.71
C VAL A 18 8.62 0.66 -15.76
N THR A 19 9.26 0.79 -16.92
CA THR A 19 9.11 -0.17 -17.99
C THR A 19 10.30 -1.11 -18.07
N CYS A 20 11.49 -0.67 -17.63
CA CYS A 20 12.67 -1.49 -17.64
C CYS A 20 13.64 -1.01 -16.58
N GLY A 21 14.49 -1.93 -16.13
CA GLY A 21 15.51 -1.67 -15.13
C GLY A 21 14.91 -1.36 -13.76
N LYS A 22 15.70 -0.64 -12.95
CA LYS A 22 15.38 -0.23 -11.59
C LYS A 22 14.00 0.38 -11.45
N GLY A 23 13.33 0.16 -10.32
CA GLY A 23 12.01 0.68 -10.06
C GLY A 23 11.57 0.45 -8.61
N MET A 24 10.30 0.70 -8.34
CA MET A 24 9.59 0.54 -7.07
C MET A 24 8.10 0.56 -7.36
N ARG A 25 7.31 -0.10 -6.53
CA ARG A 25 5.86 -0.16 -6.63
C ARG A 25 5.33 0.35 -5.29
N THR A 26 4.08 0.78 -5.29
CA THR A 26 3.40 1.29 -4.10
C THR A 26 1.95 0.81 -4.14
N ARG A 27 1.32 0.66 -2.98
CA ARG A 27 -0.07 0.23 -2.86
C ARG A 27 -0.68 0.98 -1.68
N GLN A 28 -1.96 1.36 -1.78
CA GLN A 28 -2.64 2.09 -0.72
C GLN A 28 -4.05 1.55 -0.47
N ARG A 29 -4.65 1.92 0.66
CA ARG A 29 -5.97 1.50 1.08
C ARG A 29 -6.60 2.55 1.99
N MET A 30 -7.89 2.43 2.27
CA MET A 30 -8.65 3.31 3.15
C MET A 30 -8.94 2.56 4.44
N LEU A 31 -9.21 3.28 5.54
CA LEU A 31 -9.53 2.61 6.79
C LEU A 31 -10.94 2.00 6.67
N LYS A 32 -11.35 1.18 7.63
CA LYS A 32 -12.66 0.53 7.63
C LYS A 32 -13.46 0.93 8.89
N SER A 33 -12.89 1.78 9.74
CA SER A 33 -13.53 2.24 10.95
C SER A 33 -14.72 3.13 10.55
N LEU A 34 -15.96 2.67 10.77
CA LEU A 34 -17.14 3.44 10.43
C LEU A 34 -17.23 4.76 11.21
N ALA A 35 -16.59 4.83 12.38
CA ALA A 35 -16.57 6.06 13.19
C ALA A 35 -15.44 6.99 12.73
N GLU A 36 -14.63 6.56 11.76
CA GLU A 36 -13.50 7.28 11.19
C GLU A 36 -12.60 7.85 12.29
N LEU A 37 -12.22 6.96 13.18
CA LEU A 37 -11.39 7.21 14.36
C LEU A 37 -10.09 7.99 14.15
N GLY A 38 -9.51 8.01 12.93
CA GLY A 38 -8.28 8.70 12.51
C GLY A 38 -7.43 9.17 13.68
N ASP A 39 -6.76 8.22 14.33
CA ASP A 39 -5.93 8.46 15.50
C ASP A 39 -4.78 7.47 15.56
N CYS A 40 -5.05 6.19 15.28
CA CYS A 40 -4.01 5.18 15.29
C CYS A 40 -2.97 5.54 14.23
N ASN A 41 -1.70 5.29 14.50
CA ASN A 41 -0.63 5.57 13.52
C ASN A 41 -0.55 4.39 12.55
N GLU A 42 -1.69 4.04 11.98
CA GLU A 42 -1.87 2.96 11.04
C GLU A 42 -1.23 3.27 9.69
N ASP A 43 -1.14 2.27 8.83
CA ASP A 43 -0.55 2.39 7.51
C ASP A 43 -1.61 2.21 6.45
N LEU A 44 -1.82 3.28 5.70
CA LEU A 44 -2.76 3.38 4.60
C LEU A 44 -2.01 3.20 3.28
N GLU A 45 -0.70 3.46 3.24
CA GLU A 45 0.16 3.32 2.06
C GLU A 45 1.44 2.56 2.44
N GLN A 46 1.98 1.81 1.47
CA GLN A 46 3.20 1.02 1.60
C GLN A 46 3.95 1.05 0.26
N ALA A 47 5.28 0.86 0.32
CA ALA A 47 6.17 0.85 -0.83
C ALA A 47 7.06 -0.39 -0.81
N GLU A 48 7.54 -0.82 -1.98
CA GLU A 48 8.41 -1.97 -2.12
C GLU A 48 9.22 -1.82 -3.41
N LYS A 49 10.49 -2.24 -3.39
CA LYS A 49 11.34 -2.17 -4.56
C LYS A 49 10.90 -3.22 -5.59
N CYS A 50 11.09 -2.92 -6.86
CA CYS A 50 10.79 -3.78 -7.98
C CYS A 50 11.82 -3.43 -9.06
N MET A 51 12.06 -4.30 -10.05
CA MET A 51 13.03 -4.02 -11.11
C MET A 51 12.65 -4.82 -12.35
N LEU A 52 12.18 -4.12 -13.36
CA LEU A 52 11.83 -4.76 -14.61
C LEU A 52 13.15 -5.17 -15.31
N PRO A 53 13.12 -6.04 -16.33
CA PRO A 53 14.33 -6.43 -17.04
C PRO A 53 14.79 -5.20 -17.85
N GLU A 54 15.94 -5.21 -18.51
CA GLU A 54 16.31 -4.02 -19.27
C GLU A 54 15.43 -3.86 -20.50
N CYS A 55 15.47 -2.65 -21.06
CA CYS A 55 14.72 -2.32 -22.27
C CYS A 55 15.52 -2.89 -23.46
N PRO A 56 14.93 -3.75 -24.31
CA PRO A 56 15.63 -4.28 -25.47
C PRO A 56 15.80 -3.15 -26.48
N GLY A 1 -11.66 -9.81 16.74
CA GLY A 1 -12.94 -9.10 16.62
C GLY A 1 -12.70 -7.61 16.47
N SER A 2 -13.51 -6.77 17.13
CA SER A 2 -13.39 -5.32 17.08
C SER A 2 -12.03 -4.86 17.59
N ILE A 3 -11.51 -3.76 17.03
CA ILE A 3 -10.25 -3.12 17.38
C ILE A 3 -10.32 -1.62 17.09
N PRO A 4 -9.43 -0.80 17.69
CA PRO A 4 -9.41 0.65 17.47
C PRO A 4 -9.06 1.11 16.05
N CYS A 5 -8.72 0.22 15.11
CA CYS A 5 -8.38 0.54 13.73
C CYS A 5 -9.19 -0.40 12.83
N LEU A 6 -10.40 0.00 12.46
CA LEU A 6 -11.26 -0.78 11.59
C LEU A 6 -11.01 -0.33 10.16
N LEU A 7 -10.24 -1.09 9.38
CA LEU A 7 -9.89 -0.81 7.98
C LEU A 7 -9.66 -2.14 7.27
N SER A 8 -9.67 -2.14 5.94
CA SER A 8 -9.47 -3.35 5.15
C SER A 8 -7.98 -3.70 5.07
N PRO A 9 -7.61 -4.95 4.70
CA PRO A 9 -6.21 -5.30 4.55
C PRO A 9 -5.65 -4.55 3.34
N TRP A 10 -4.34 -4.67 3.12
CA TRP A 10 -3.75 -4.02 1.97
C TRP A 10 -4.29 -4.76 0.74
N SER A 11 -4.52 -4.03 -0.35
CA SER A 11 -4.99 -4.60 -1.60
C SER A 11 -3.79 -5.31 -2.24
N GLU A 12 -4.01 -6.02 -3.33
CA GLU A 12 -2.91 -6.70 -4.01
C GLU A 12 -2.04 -5.65 -4.68
N TRP A 13 -0.73 -5.83 -4.65
CA TRP A 13 0.21 -4.91 -5.28
C TRP A 13 -0.09 -4.86 -6.78
N SER A 14 0.30 -3.77 -7.43
CA SER A 14 0.13 -3.50 -8.84
C SER A 14 1.52 -3.32 -9.44
N ASP A 15 1.56 -3.30 -10.76
CA ASP A 15 2.74 -3.14 -11.60
C ASP A 15 3.58 -1.96 -11.14
N CYS A 16 4.90 -2.14 -11.20
CA CYS A 16 5.87 -1.13 -10.83
C CYS A 16 5.83 0.01 -11.85
N SER A 17 6.24 1.21 -11.44
CA SER A 17 6.20 2.39 -12.29
C SER A 17 7.13 2.33 -13.51
N VAL A 18 8.25 1.61 -13.46
CA VAL A 18 9.20 1.51 -14.58
C VAL A 18 8.85 0.35 -15.50
N THR A 19 9.31 0.38 -16.76
CA THR A 19 9.07 -0.70 -17.70
C THR A 19 10.28 -1.67 -17.70
N CYS A 20 11.49 -1.19 -17.40
CA CYS A 20 12.70 -2.00 -17.35
C CYS A 20 13.68 -1.52 -16.29
N GLY A 21 14.52 -2.43 -15.82
CA GLY A 21 15.54 -2.17 -14.82
C GLY A 21 15.00 -1.72 -13.46
N LYS A 22 15.81 -0.94 -12.73
CA LYS A 22 15.52 -0.41 -11.40
C LYS A 22 14.17 0.32 -11.39
N GLY A 23 13.28 -0.06 -10.47
CA GLY A 23 11.94 0.52 -10.35
C GLY A 23 11.41 0.57 -8.92
N MET A 24 10.12 0.88 -8.75
CA MET A 24 9.39 0.98 -7.49
C MET A 24 7.90 0.75 -7.74
N ARG A 25 7.14 0.30 -6.73
CA ARG A 25 5.69 0.09 -6.79
C ARG A 25 5.05 0.75 -5.56
N THR A 26 3.74 1.00 -5.56
CA THR A 26 3.04 1.63 -4.44
C THR A 26 1.60 1.11 -4.36
N ARG A 27 1.09 0.73 -3.18
CA ARG A 27 -0.28 0.24 -3.01
C ARG A 27 -0.93 0.99 -1.86
N GLN A 28 -2.23 1.26 -1.96
CA GLN A 28 -2.98 1.96 -0.93
C GLN A 28 -4.25 1.22 -0.57
N ARG A 29 -4.85 1.54 0.58
CA ARG A 29 -6.07 0.92 1.07
C ARG A 29 -6.98 2.01 1.58
N MET A 30 -8.26 1.88 1.25
CA MET A 30 -9.28 2.82 1.65
C MET A 30 -9.59 2.63 3.13
N LEU A 31 -9.73 3.73 3.89
CA LEU A 31 -10.07 3.65 5.30
C LEU A 31 -11.49 3.10 5.35
N LYS A 32 -11.71 2.06 6.16
CA LYS A 32 -13.02 1.45 6.28
C LYS A 32 -13.66 1.76 7.63
N SER A 33 -13.16 2.75 8.39
CA SER A 33 -13.75 3.05 9.69
C SER A 33 -15.22 3.49 9.56
N LEU A 34 -15.91 3.61 10.69
CA LEU A 34 -17.30 4.02 10.79
C LEU A 34 -17.47 5.16 11.79
N ALA A 35 -16.48 5.41 12.66
CA ALA A 35 -16.52 6.45 13.68
C ALA A 35 -15.39 7.44 13.48
N GLU A 36 -14.14 6.99 13.59
CA GLU A 36 -12.94 7.80 13.45
C GLU A 36 -11.72 6.88 13.32
N LEU A 37 -10.54 7.46 13.06
CA LEU A 37 -9.29 6.72 12.96
C LEU A 37 -8.13 7.66 13.22
N GLY A 38 -7.33 7.32 14.22
CA GLY A 38 -6.15 8.06 14.64
C GLY A 38 -5.32 7.16 15.55
N ASP A 39 -6.00 6.55 16.53
CA ASP A 39 -5.51 5.64 17.56
C ASP A 39 -4.28 4.82 17.18
N CYS A 40 -4.47 3.77 16.37
CA CYS A 40 -3.40 2.88 15.94
C CYS A 40 -2.35 3.52 15.02
N ASN A 41 -2.59 4.73 14.50
CA ASN A 41 -1.69 5.45 13.58
C ASN A 41 -1.45 4.63 12.30
N GLU A 42 -2.45 3.81 11.90
CA GLU A 42 -2.36 2.98 10.71
C GLU A 42 -2.16 3.83 9.46
N ASP A 43 -1.63 3.21 8.42
CA ASP A 43 -1.31 3.79 7.12
C ASP A 43 -2.51 3.73 6.17
N LEU A 44 -2.29 4.26 4.97
CA LEU A 44 -3.22 4.29 3.86
C LEU A 44 -2.45 3.84 2.65
N GLU A 45 -1.25 4.38 2.38
CA GLU A 45 -0.41 4.00 1.25
C GLU A 45 0.98 3.59 1.74
N GLN A 46 1.66 2.74 0.96
CA GLN A 46 3.00 2.23 1.19
C GLN A 46 3.67 1.99 -0.17
N ALA A 47 4.99 1.88 -0.16
CA ALA A 47 5.83 1.64 -1.32
C ALA A 47 6.67 0.40 -1.11
N GLU A 48 7.27 -0.11 -2.19
CA GLU A 48 8.11 -1.29 -2.16
C GLU A 48 9.11 -1.19 -3.32
N LYS A 49 10.33 -1.69 -3.08
CA LYS A 49 11.42 -1.72 -4.04
C LYS A 49 11.10 -2.79 -5.08
N CYS A 50 11.30 -2.47 -6.35
CA CYS A 50 11.02 -3.39 -7.45
C CYS A 50 12.06 -3.25 -8.54
N MET A 51 12.19 -4.23 -9.43
CA MET A 51 13.11 -4.19 -10.55
C MET A 51 12.51 -5.07 -11.64
N LEU A 52 12.44 -4.49 -12.83
CA LEU A 52 11.95 -5.13 -14.04
C LEU A 52 13.19 -5.64 -14.79
N PRO A 53 13.02 -6.55 -15.76
CA PRO A 53 14.14 -7.05 -16.55
C PRO A 53 14.64 -5.90 -17.44
N GLU A 54 15.82 -6.05 -18.01
CA GLU A 54 16.38 -5.03 -18.88
C GLU A 54 15.69 -5.11 -20.24
N CYS A 55 15.16 -3.98 -20.71
CA CYS A 55 14.49 -3.93 -22.01
C CYS A 55 15.56 -3.92 -23.11
N PRO A 56 15.34 -4.63 -24.23
CA PRO A 56 16.28 -4.67 -25.33
C PRO A 56 16.32 -3.31 -26.01
N GLY A 1 -10.47 4.66 25.85
CA GLY A 1 -10.53 3.28 25.35
C GLY A 1 -10.01 3.23 23.94
N SER A 2 -8.72 2.95 23.78
CA SER A 2 -8.09 2.87 22.48
C SER A 2 -8.37 1.50 21.86
N ILE A 3 -9.51 1.34 21.19
CA ILE A 3 -9.85 0.08 20.54
C ILE A 3 -8.87 -0.11 19.39
N PRO A 4 -8.64 -1.35 18.94
CA PRO A 4 -7.71 -1.53 17.85
C PRO A 4 -8.26 -0.96 16.55
N CYS A 5 -7.32 -0.58 15.69
CA CYS A 5 -7.55 0.01 14.38
C CYS A 5 -8.37 -0.96 13.52
N LEU A 6 -9.17 -0.42 12.61
CA LEU A 6 -9.99 -1.23 11.72
C LEU A 6 -10.11 -0.49 10.40
N LEU A 7 -9.33 -0.93 9.43
CA LEU A 7 -9.24 -0.40 8.10
C LEU A 7 -9.54 -1.51 7.10
N SER A 8 -9.59 -1.17 5.81
CA SER A 8 -9.81 -2.17 4.78
C SER A 8 -8.47 -2.88 4.56
N PRO A 9 -8.47 -4.10 3.98
CA PRO A 9 -7.23 -4.79 3.70
C PRO A 9 -6.55 -4.08 2.54
N TRP A 10 -5.27 -4.37 2.32
CA TRP A 10 -4.56 -3.76 1.22
C TRP A 10 -5.10 -4.34 -0.08
N SER A 11 -5.28 -3.49 -1.08
CA SER A 11 -5.75 -3.89 -2.39
C SER A 11 -4.59 -4.70 -3.00
N GLU A 12 -4.82 -5.46 -4.07
CA GLU A 12 -3.72 -6.22 -4.63
C GLU A 12 -2.68 -5.29 -5.24
N TRP A 13 -1.41 -5.69 -5.08
CA TRP A 13 -0.27 -4.96 -5.59
C TRP A 13 -0.38 -4.79 -7.11
N SER A 14 0.30 -3.77 -7.61
CA SER A 14 0.39 -3.41 -9.00
C SER A 14 1.86 -3.69 -9.37
N ASP A 15 2.07 -4.28 -10.54
CA ASP A 15 3.33 -4.71 -11.14
C ASP A 15 4.58 -3.97 -10.64
N CYS A 16 4.81 -2.74 -11.14
CA CYS A 16 5.90 -1.80 -10.86
C CYS A 16 5.57 -0.50 -11.60
N SER A 17 6.18 0.62 -11.23
CA SER A 17 5.96 1.92 -11.87
C SER A 17 7.10 2.20 -12.86
N VAL A 18 7.63 1.16 -13.52
CA VAL A 18 8.71 1.25 -14.49
C VAL A 18 8.57 0.08 -15.47
N THR A 19 9.24 0.15 -16.62
CA THR A 19 9.23 -0.91 -17.63
C THR A 19 10.62 -1.55 -17.76
N CYS A 20 11.67 -0.87 -17.30
CA CYS A 20 13.03 -1.37 -17.33
C CYS A 20 13.87 -0.67 -16.27
N GLY A 21 14.83 -1.41 -15.72
CA GLY A 21 15.74 -0.94 -14.70
C GLY A 21 15.08 -0.82 -13.32
N LYS A 22 15.72 -0.05 -12.43
CA LYS A 22 15.27 0.20 -11.06
C LYS A 22 13.82 0.65 -11.03
N GLY A 23 13.11 0.35 -9.95
CA GLY A 23 11.73 0.74 -9.81
C GLY A 23 11.22 0.46 -8.40
N MET A 24 9.92 0.62 -8.21
CA MET A 24 9.20 0.38 -6.99
C MET A 24 7.70 0.52 -7.27
N ARG A 25 6.90 -0.37 -6.71
CA ARG A 25 5.45 -0.35 -6.86
C ARG A 25 4.86 0.35 -5.65
N THR A 26 3.61 0.78 -5.77
CA THR A 26 2.90 1.47 -4.70
C THR A 26 1.46 0.94 -4.67
N ARG A 27 0.90 0.78 -3.46
CA ARG A 27 -0.47 0.33 -3.24
C ARG A 27 -1.02 1.10 -2.06
N GLN A 28 -2.29 1.47 -2.12
CA GLN A 28 -2.97 2.24 -1.09
C GLN A 28 -4.34 1.66 -0.76
N ARG A 29 -4.81 1.88 0.47
CA ARG A 29 -6.08 1.39 0.98
C ARG A 29 -6.87 2.59 1.52
N MET A 30 -7.91 2.30 2.30
CA MET A 30 -8.80 3.27 2.92
C MET A 30 -9.24 2.69 4.28
N LEU A 31 -9.74 3.54 5.19
CA LEU A 31 -10.20 3.12 6.51
C LEU A 31 -11.58 2.46 6.38
N LYS A 32 -12.02 1.74 7.42
CA LYS A 32 -13.30 1.04 7.42
C LYS A 32 -14.05 1.19 8.75
N SER A 33 -13.40 1.64 9.81
CA SER A 33 -14.04 1.84 11.12
C SER A 33 -14.97 3.02 10.95
N LEU A 34 -16.27 2.87 11.26
CA LEU A 34 -17.23 3.98 11.15
C LEU A 34 -16.89 5.13 12.13
N ALA A 35 -16.02 4.86 13.10
CA ALA A 35 -15.58 5.85 14.06
C ALA A 35 -14.64 6.87 13.40
N GLU A 36 -14.15 6.54 12.20
CA GLU A 36 -13.24 7.32 11.38
C GLU A 36 -12.01 7.78 12.16
N LEU A 37 -11.45 6.85 12.95
CA LEU A 37 -10.26 7.12 13.73
C LEU A 37 -9.05 7.11 12.80
N GLY A 38 -8.08 7.93 13.14
CA GLY A 38 -6.81 8.11 12.45
C GLY A 38 -5.74 8.40 13.50
N ASP A 39 -5.93 7.87 14.70
CA ASP A 39 -5.12 7.98 15.91
C ASP A 39 -4.83 6.58 16.46
N CYS A 40 -4.37 5.70 15.57
CA CYS A 40 -4.04 4.31 15.84
C CYS A 40 -2.71 3.90 15.20
N ASN A 41 -1.87 4.86 14.84
CA ASN A 41 -0.58 4.62 14.19
C ASN A 41 -0.78 3.81 12.90
N GLU A 42 -1.93 3.92 12.25
CA GLU A 42 -2.26 3.21 11.02
C GLU A 42 -1.45 3.73 9.83
N ASP A 43 -1.62 3.08 8.68
CA ASP A 43 -0.98 3.35 7.41
C ASP A 43 -2.03 3.15 6.33
N LEU A 44 -2.06 4.01 5.32
CA LEU A 44 -2.99 3.95 4.20
C LEU A 44 -2.24 3.74 2.88
N GLU A 45 -0.94 4.02 2.83
CA GLU A 45 -0.09 3.86 1.65
C GLU A 45 1.08 2.91 1.99
N GLN A 46 1.56 2.21 0.97
CA GLN A 46 2.66 1.28 1.02
C GLN A 46 3.39 1.31 -0.32
N ALA A 47 4.67 0.93 -0.29
CA ALA A 47 5.55 0.86 -1.44
C ALA A 47 6.52 -0.29 -1.23
N GLU A 48 7.05 -0.83 -2.33
CA GLU A 48 7.99 -1.94 -2.32
C GLU A 48 8.92 -1.78 -3.52
N LYS A 49 10.24 -1.80 -3.30
CA LYS A 49 11.24 -1.66 -4.34
C LYS A 49 11.21 -2.85 -5.28
N CYS A 50 11.50 -2.59 -6.56
CA CYS A 50 11.53 -3.59 -7.60
C CYS A 50 12.59 -3.20 -8.64
N MET A 51 12.79 -4.00 -9.68
CA MET A 51 13.73 -3.73 -10.75
C MET A 51 13.46 -4.62 -11.95
N LEU A 52 12.88 -4.03 -12.97
CA LEU A 52 12.54 -4.67 -14.25
C LEU A 52 13.86 -4.93 -14.99
N PRO A 53 13.87 -5.78 -16.03
CA PRO A 53 15.09 -6.05 -16.78
C PRO A 53 15.49 -4.81 -17.59
N GLU A 54 16.68 -4.79 -18.17
CA GLU A 54 17.11 -3.66 -18.98
C GLU A 54 16.20 -3.54 -20.21
N CYS A 55 15.93 -2.32 -20.68
CA CYS A 55 15.07 -2.15 -21.85
C CYS A 55 15.78 -2.64 -23.13
N PRO A 56 15.11 -3.42 -23.99
CA PRO A 56 15.66 -3.87 -25.25
C PRO A 56 15.31 -2.78 -26.27
N GLY A 1 -16.57 -1.76 24.64
CA GLY A 1 -16.29 -0.38 25.02
C GLY A 1 -15.73 0.34 23.82
N SER A 2 -14.41 0.42 23.71
CA SER A 2 -13.73 1.04 22.59
C SER A 2 -13.72 0.02 21.44
N ILE A 3 -12.96 0.32 20.40
CA ILE A 3 -12.76 -0.47 19.19
C ILE A 3 -11.27 -0.57 18.94
N PRO A 4 -10.80 -1.60 18.24
CA PRO A 4 -9.39 -1.69 17.94
C PRO A 4 -9.11 -0.91 16.65
N CYS A 5 -7.90 -0.97 16.10
CA CYS A 5 -7.57 -0.26 14.86
C CYS A 5 -8.18 -1.00 13.68
N LEU A 6 -9.49 -0.82 13.52
CA LEU A 6 -10.37 -1.35 12.52
C LEU A 6 -9.90 -0.83 11.16
N LEU A 7 -9.24 -1.66 10.35
CA LEU A 7 -8.73 -1.28 9.04
C LEU A 7 -8.93 -2.45 8.07
N SER A 8 -9.36 -2.19 6.84
CA SER A 8 -9.53 -3.25 5.86
C SER A 8 -8.17 -3.76 5.39
N PRO A 9 -8.09 -5.00 4.89
CA PRO A 9 -6.84 -5.55 4.40
C PRO A 9 -6.40 -4.74 3.18
N TRP A 10 -5.13 -4.90 2.80
CA TRP A 10 -4.60 -4.17 1.67
C TRP A 10 -5.13 -4.70 0.34
N SER A 11 -5.09 -3.85 -0.68
CA SER A 11 -5.50 -4.21 -2.03
C SER A 11 -4.30 -4.99 -2.61
N GLU A 12 -4.40 -5.56 -3.80
CA GLU A 12 -3.30 -6.28 -4.42
C GLU A 12 -2.34 -5.25 -5.02
N TRP A 13 -1.04 -5.58 -5.15
CA TRP A 13 -0.07 -4.65 -5.73
C TRP A 13 -0.44 -4.34 -7.19
N SER A 14 0.08 -3.21 -7.68
CA SER A 14 -0.09 -2.72 -9.03
C SER A 14 1.29 -2.78 -9.69
N ASP A 15 1.36 -2.51 -11.00
CA ASP A 15 2.62 -2.51 -11.73
C ASP A 15 3.53 -1.39 -11.19
N CYS A 16 4.85 -1.52 -11.39
CA CYS A 16 5.83 -0.55 -10.93
C CYS A 16 5.89 0.67 -11.84
N SER A 17 6.52 1.74 -11.34
CA SER A 17 6.74 3.03 -11.99
C SER A 17 7.79 2.96 -13.12
N VAL A 18 8.16 1.76 -13.55
CA VAL A 18 9.12 1.51 -14.60
C VAL A 18 8.74 0.19 -15.27
N THR A 19 9.15 0.02 -16.52
CA THR A 19 8.87 -1.20 -17.26
C THR A 19 10.08 -2.14 -17.20
N CYS A 20 11.30 -1.58 -17.03
CA CYS A 20 12.55 -2.32 -16.96
C CYS A 20 13.51 -1.68 -15.97
N GLY A 21 14.41 -2.49 -15.42
CA GLY A 21 15.41 -2.05 -14.47
C GLY A 21 14.85 -1.63 -13.12
N LYS A 22 15.66 -0.91 -12.33
CA LYS A 22 15.30 -0.42 -10.99
C LYS A 22 14.05 0.45 -11.05
N GLY A 23 13.03 0.07 -10.29
CA GLY A 23 11.74 0.75 -10.22
C GLY A 23 11.20 0.78 -8.79
N MET A 24 9.97 1.27 -8.61
CA MET A 24 9.29 1.37 -7.33
C MET A 24 7.82 1.06 -7.57
N ARG A 25 7.08 0.66 -6.52
CA ARG A 25 5.64 0.39 -6.65
C ARG A 25 4.94 0.82 -5.38
N THR A 26 3.62 0.92 -5.43
CA THR A 26 2.76 1.29 -4.33
C THR A 26 1.47 0.47 -4.41
N ARG A 27 0.79 0.34 -3.27
CA ARG A 27 -0.49 -0.33 -3.11
C ARG A 27 -1.18 0.47 -2.01
N GLN A 28 -2.49 0.54 -2.02
CA GLN A 28 -3.24 1.30 -1.03
C GLN A 28 -4.49 0.56 -0.60
N ARG A 29 -5.19 1.10 0.39
CA ARG A 29 -6.42 0.58 0.94
C ARG A 29 -7.17 1.70 1.60
N MET A 30 -8.48 1.57 1.67
CA MET A 30 -9.31 2.57 2.29
C MET A 30 -9.59 2.16 3.73
N LEU A 31 -9.85 3.17 4.57
CA LEU A 31 -10.18 2.93 5.97
C LEU A 31 -11.60 2.35 5.95
N LYS A 32 -12.04 1.72 7.04
CA LYS A 32 -13.37 1.10 7.10
C LYS A 32 -14.11 1.46 8.39
N SER A 33 -13.55 2.34 9.21
CA SER A 33 -14.20 2.76 10.44
C SER A 33 -15.48 3.53 10.06
N LEU A 34 -16.34 3.80 11.03
CA LEU A 34 -17.59 4.52 10.85
C LEU A 34 -17.36 5.98 10.48
N ALA A 35 -16.20 6.53 10.84
CA ALA A 35 -15.79 7.90 10.59
C ALA A 35 -14.30 7.82 10.30
N GLU A 36 -13.45 7.89 11.33
CA GLU A 36 -12.00 7.83 11.20
C GLU A 36 -11.41 6.86 12.22
N LEU A 37 -10.07 6.78 12.30
CA LEU A 37 -9.36 5.89 13.23
C LEU A 37 -8.22 6.70 13.88
N GLY A 38 -7.06 6.80 13.23
CA GLY A 38 -5.87 7.55 13.64
C GLY A 38 -5.08 7.00 14.83
N ASP A 39 -5.73 6.22 15.70
CA ASP A 39 -5.19 5.60 16.91
C ASP A 39 -3.81 4.94 16.74
N CYS A 40 -3.74 3.93 15.85
CA CYS A 40 -2.51 3.21 15.56
C CYS A 40 -1.57 4.02 14.64
N ASN A 41 -1.93 5.25 14.27
CA ASN A 41 -1.13 6.10 13.38
C ASN A 41 -0.81 5.37 12.07
N GLU A 42 -1.69 4.48 11.63
CA GLU A 42 -1.54 3.68 10.43
C GLU A 42 -1.79 4.51 9.17
N ASP A 43 -1.40 3.98 8.00
CA ASP A 43 -1.54 4.63 6.71
C ASP A 43 -2.53 3.90 5.80
N LEU A 44 -2.82 4.53 4.67
CA LEU A 44 -3.68 4.05 3.61
C LEU A 44 -2.84 3.63 2.42
N GLU A 45 -1.59 4.10 2.29
CA GLU A 45 -0.65 3.78 1.22
C GLU A 45 0.63 3.21 1.81
N GLN A 46 1.26 2.27 1.09
CA GLN A 46 2.51 1.62 1.41
C GLN A 46 3.26 1.45 0.08
N ALA A 47 4.57 1.60 0.13
CA ALA A 47 5.46 1.49 -1.01
C ALA A 47 6.39 0.28 -0.87
N GLU A 48 7.01 -0.12 -1.99
CA GLU A 48 7.93 -1.24 -2.05
C GLU A 48 8.87 -1.03 -3.23
N LYS A 49 10.12 -1.46 -3.07
CA LYS A 49 11.13 -1.35 -4.12
C LYS A 49 10.99 -2.53 -5.05
N CYS A 50 11.28 -2.33 -6.34
CA CYS A 50 11.21 -3.41 -7.31
C CYS A 50 12.29 -3.24 -8.36
N MET A 51 12.65 -4.30 -9.08
CA MET A 51 13.66 -4.24 -10.14
C MET A 51 13.14 -5.13 -11.24
N LEU A 52 12.60 -4.49 -12.27
CA LEU A 52 12.07 -5.18 -13.42
C LEU A 52 13.25 -5.75 -14.22
N PRO A 53 12.99 -6.68 -15.16
CA PRO A 53 14.04 -7.23 -15.99
C PRO A 53 14.55 -6.13 -16.94
N GLU A 54 15.68 -6.33 -17.60
CA GLU A 54 16.19 -5.33 -18.52
C GLU A 54 15.45 -5.49 -19.84
N CYS A 55 14.76 -4.42 -20.25
CA CYS A 55 14.04 -4.44 -21.52
C CYS A 55 15.08 -4.35 -22.63
N PRO A 56 14.85 -4.96 -23.81
CA PRO A 56 15.81 -4.90 -24.90
C PRO A 56 15.83 -3.47 -25.45
N GLY A 1 -15.01 6.37 24.68
CA GLY A 1 -13.73 6.10 25.34
C GLY A 1 -12.65 6.18 24.29
N SER A 2 -12.16 5.03 23.84
CA SER A 2 -11.16 4.88 22.80
C SER A 2 -11.17 3.39 22.44
N ILE A 3 -10.83 3.09 21.20
CA ILE A 3 -10.78 1.74 20.64
C ILE A 3 -9.60 1.66 19.68
N PRO A 4 -9.16 0.46 19.28
CA PRO A 4 -8.07 0.35 18.35
C PRO A 4 -8.50 0.78 16.94
N CYS A 5 -7.51 0.91 16.06
CA CYS A 5 -7.76 1.29 14.68
C CYS A 5 -8.52 0.17 13.95
N LEU A 6 -9.28 0.51 12.91
CA LEU A 6 -10.06 -0.46 12.12
C LEU A 6 -9.99 -0.03 10.67
N LEU A 7 -9.23 -0.76 9.86
CA LEU A 7 -9.04 -0.48 8.45
C LEU A 7 -9.10 -1.77 7.61
N SER A 8 -9.10 -1.60 6.28
CA SER A 8 -9.14 -2.68 5.31
C SER A 8 -7.73 -3.23 5.05
N PRO A 9 -7.58 -4.44 4.49
CA PRO A 9 -6.28 -5.01 4.18
C PRO A 9 -5.68 -4.33 2.94
N TRP A 10 -4.38 -4.55 2.70
CA TRP A 10 -3.66 -4.01 1.57
C TRP A 10 -4.20 -4.62 0.27
N SER A 11 -4.59 -3.77 -0.68
CA SER A 11 -5.09 -4.23 -1.96
C SER A 11 -3.91 -4.77 -2.77
N GLU A 12 -4.21 -5.45 -3.88
CA GLU A 12 -3.21 -5.98 -4.79
C GLU A 12 -2.52 -4.77 -5.43
N TRP A 13 -1.19 -4.82 -5.52
CA TRP A 13 -0.35 -3.78 -6.07
C TRP A 13 -0.68 -3.43 -7.52
N SER A 14 -0.29 -2.22 -7.91
CA SER A 14 -0.44 -1.68 -9.25
C SER A 14 0.90 -1.94 -9.96
N ASP A 15 1.05 -1.39 -11.16
CA ASP A 15 2.28 -1.54 -11.92
C ASP A 15 3.38 -0.69 -11.28
N CYS A 16 4.63 -1.12 -11.41
CA CYS A 16 5.77 -0.41 -10.85
C CYS A 16 6.02 0.88 -11.63
N SER A 17 6.77 1.81 -11.02
CA SER A 17 7.08 3.10 -11.63
C SER A 17 7.89 2.95 -12.94
N VAL A 18 9.08 2.36 -12.89
CA VAL A 18 9.95 2.17 -14.04
C VAL A 18 9.28 1.32 -15.14
N THR A 19 9.78 1.42 -16.37
CA THR A 19 9.26 0.66 -17.52
C THR A 19 10.16 -0.56 -17.84
N CYS A 20 11.38 -0.59 -17.31
CA CYS A 20 12.34 -1.67 -17.52
C CYS A 20 13.46 -1.60 -16.48
N GLY A 21 14.06 -2.74 -16.18
CA GLY A 21 15.15 -2.83 -15.23
C GLY A 21 14.70 -2.56 -13.78
N LYS A 22 15.67 -2.22 -12.92
CA LYS A 22 15.47 -1.91 -11.50
C LYS A 22 14.42 -0.83 -11.33
N GLY A 23 13.46 -1.06 -10.43
CA GLY A 23 12.35 -0.18 -10.12
C GLY A 23 11.87 -0.33 -8.69
N MET A 24 10.72 0.28 -8.44
CA MET A 24 10.02 0.28 -7.16
C MET A 24 8.53 0.38 -7.45
N ARG A 25 7.71 -0.14 -6.54
CA ARG A 25 6.25 -0.09 -6.62
C ARG A 25 5.71 0.34 -5.28
N THR A 26 4.44 0.71 -5.25
CA THR A 26 3.73 1.14 -4.06
C THR A 26 2.30 0.59 -4.15
N ARG A 27 1.59 0.59 -3.03
CA ARG A 27 0.19 0.14 -2.97
C ARG A 27 -0.44 0.85 -1.80
N GLN A 28 -1.76 0.88 -1.76
CA GLN A 28 -2.50 1.54 -0.72
C GLN A 28 -3.69 0.70 -0.25
N ARG A 29 -4.44 1.28 0.66
CA ARG A 29 -5.64 0.73 1.26
C ARG A 29 -6.49 1.92 1.66
N MET A 30 -7.79 1.69 1.88
CA MET A 30 -8.72 2.76 2.24
C MET A 30 -9.33 2.50 3.62
N LEU A 31 -9.38 3.54 4.45
CA LEU A 31 -9.96 3.46 5.79
C LEU A 31 -11.39 2.99 5.64
N LYS A 32 -11.75 1.96 6.39
CA LYS A 32 -13.08 1.35 6.43
C LYS A 32 -13.57 1.33 7.87
N SER A 33 -13.24 2.37 8.64
CA SER A 33 -13.68 2.46 10.02
C SER A 33 -15.19 2.61 10.03
N LEU A 34 -15.90 1.54 10.38
CA LEU A 34 -17.36 1.57 10.43
C LEU A 34 -17.87 2.31 11.67
N ALA A 35 -17.22 2.12 12.82
CA ALA A 35 -17.63 2.73 14.08
C ALA A 35 -16.99 4.11 14.28
N GLU A 36 -15.70 4.18 14.63
CA GLU A 36 -15.02 5.47 14.86
C GLU A 36 -13.50 5.31 14.75
N LEU A 37 -12.81 6.41 14.43
CA LEU A 37 -11.35 6.53 14.30
C LEU A 37 -10.96 8.02 14.25
N GLY A 38 -9.67 8.31 14.40
CA GLY A 38 -9.06 9.62 14.39
C GLY A 38 -7.81 9.51 15.24
N ASP A 39 -6.70 10.13 14.82
CA ASP A 39 -5.42 10.11 15.54
C ASP A 39 -4.93 8.67 15.77
N CYS A 40 -5.01 7.86 14.72
CA CYS A 40 -4.60 6.46 14.72
C CYS A 40 -3.09 6.30 14.46
N ASN A 41 -2.58 6.94 13.42
CA ASN A 41 -1.19 6.96 12.94
C ASN A 41 -0.80 5.71 12.12
N GLU A 42 -1.78 5.00 11.56
CA GLU A 42 -1.57 3.79 10.75
C GLU A 42 -0.90 4.08 9.39
N ASP A 43 -0.57 2.99 8.69
CA ASP A 43 0.00 3.00 7.36
C ASP A 43 -1.17 2.96 6.39
N LEU A 44 -1.24 3.89 5.42
CA LEU A 44 -2.31 3.93 4.42
C LEU A 44 -1.74 3.63 3.01
N GLU A 45 -0.42 3.67 2.84
CA GLU A 45 0.33 3.39 1.62
C GLU A 45 1.62 2.66 2.05
N GLN A 46 2.17 1.82 1.17
CA GLN A 46 3.38 1.02 1.32
C GLN A 46 4.28 1.14 0.09
N ALA A 47 5.45 0.52 0.12
CA ALA A 47 6.46 0.49 -0.95
C ALA A 47 7.20 -0.85 -0.92
N GLU A 48 7.55 -1.39 -2.09
CA GLU A 48 8.26 -2.65 -2.25
C GLU A 48 9.16 -2.56 -3.50
N LYS A 49 10.27 -3.29 -3.49
CA LYS A 49 11.19 -3.32 -4.63
C LYS A 49 10.52 -4.06 -5.78
N CYS A 50 10.94 -3.74 -6.99
CA CYS A 50 10.44 -4.34 -8.21
C CYS A 50 11.54 -4.25 -9.27
N MET A 51 11.56 -5.13 -10.25
CA MET A 51 12.55 -5.10 -11.33
C MET A 51 11.84 -5.62 -12.56
N LEU A 52 11.53 -4.71 -13.46
CA LEU A 52 10.88 -5.02 -14.72
C LEU A 52 11.87 -5.77 -15.60
N PRO A 53 11.42 -6.37 -16.71
CA PRO A 53 12.32 -7.04 -17.62
C PRO A 53 13.16 -5.94 -18.33
N GLU A 54 14.06 -6.35 -19.21
CA GLU A 54 14.88 -5.41 -19.96
C GLU A 54 13.96 -4.57 -20.85
N CYS A 55 14.41 -3.37 -21.19
CA CYS A 55 13.64 -2.43 -22.02
C CYS A 55 13.19 -3.06 -23.33
N PRO A 56 11.87 -3.17 -23.58
CA PRO A 56 11.34 -3.75 -24.80
C PRO A 56 11.59 -2.81 -25.99
N GLY A 1 -7.18 -10.54 14.66
CA GLY A 1 -6.77 -9.14 14.67
C GLY A 1 -6.94 -8.56 16.05
N SER A 2 -8.15 -8.08 16.38
CA SER A 2 -8.46 -7.48 17.67
C SER A 2 -7.60 -6.24 17.98
N ILE A 3 -6.96 -5.64 16.97
CA ILE A 3 -6.13 -4.45 17.12
C ILE A 3 -7.01 -3.21 17.29
N PRO A 4 -6.48 -2.09 17.82
CA PRO A 4 -7.30 -0.91 18.02
C PRO A 4 -7.72 -0.19 16.73
N CYS A 5 -6.84 -0.16 15.72
CA CYS A 5 -7.03 0.49 14.42
C CYS A 5 -7.83 -0.42 13.48
N LEU A 6 -8.38 0.11 12.37
CA LEU A 6 -9.15 -0.69 11.42
C LEU A 6 -9.14 -0.03 10.04
N LEU A 7 -8.26 -0.53 9.18
CA LEU A 7 -8.04 -0.09 7.81
C LEU A 7 -8.67 -1.07 6.84
N SER A 8 -8.83 -0.69 5.57
CA SER A 8 -9.39 -1.57 4.57
C SER A 8 -8.32 -2.59 4.15
N PRO A 9 -8.69 -3.75 3.57
CA PRO A 9 -7.68 -4.69 3.10
C PRO A 9 -6.99 -3.95 1.95
N TRP A 10 -5.67 -4.04 1.84
CA TRP A 10 -4.97 -3.34 0.76
C TRP A 10 -5.45 -3.79 -0.62
N SER A 11 -5.27 -2.93 -1.60
CA SER A 11 -5.61 -3.25 -2.98
C SER A 11 -4.53 -4.21 -3.44
N GLU A 12 -4.85 -5.01 -4.43
CA GLU A 12 -3.88 -5.92 -5.00
C GLU A 12 -2.84 -4.98 -5.66
N TRP A 13 -1.55 -5.26 -5.44
CA TRP A 13 -0.46 -4.46 -5.99
C TRP A 13 -0.56 -4.35 -7.51
N SER A 14 -0.07 -3.27 -8.11
CA SER A 14 -0.12 -3.15 -9.55
C SER A 14 1.21 -3.66 -10.12
N ASP A 15 1.42 -3.38 -11.40
CA ASP A 15 2.62 -3.72 -12.15
C ASP A 15 3.74 -2.77 -11.72
N CYS A 16 4.99 -2.98 -12.18
CA CYS A 16 6.10 -2.11 -11.84
C CYS A 16 6.05 -0.94 -12.84
N SER A 17 6.63 0.22 -12.50
CA SER A 17 6.63 1.42 -13.32
C SER A 17 7.79 1.46 -14.31
N VAL A 18 8.77 0.58 -14.17
CA VAL A 18 9.93 0.58 -15.06
C VAL A 18 9.85 -0.59 -16.02
N THR A 19 10.43 -0.42 -17.20
CA THR A 19 10.50 -1.44 -18.25
C THR A 19 11.71 -2.32 -18.01
N CYS A 20 12.77 -1.73 -17.44
CA CYS A 20 14.02 -2.38 -17.15
C CYS A 20 14.76 -1.66 -16.04
N GLY A 21 15.62 -2.37 -15.33
CA GLY A 21 16.41 -1.78 -14.27
C GLY A 21 15.63 -1.48 -13.01
N LYS A 22 16.20 -0.58 -12.20
CA LYS A 22 15.64 -0.12 -10.93
C LYS A 22 14.23 0.42 -11.11
N GLY A 23 13.38 0.08 -10.16
CA GLY A 23 11.98 0.45 -10.10
C GLY A 23 11.44 0.24 -8.68
N MET A 24 10.14 0.41 -8.47
CA MET A 24 9.45 0.20 -7.19
C MET A 24 7.98 0.55 -7.33
N ARG A 25 7.11 -0.34 -6.88
CA ARG A 25 5.66 -0.17 -6.95
C ARG A 25 5.13 0.40 -5.66
N THR A 26 3.88 0.84 -5.66
CA THR A 26 3.27 1.41 -4.47
C THR A 26 1.79 1.13 -4.52
N ARG A 27 1.13 0.97 -3.39
CA ARG A 27 -0.31 0.72 -3.34
C ARG A 27 -0.86 1.53 -2.18
N GLN A 28 -2.16 1.76 -2.16
CA GLN A 28 -2.81 2.54 -1.12
C GLN A 28 -4.11 1.89 -0.66
N ARG A 29 -4.65 2.40 0.45
CA ARG A 29 -5.89 1.96 1.08
C ARG A 29 -6.52 3.12 1.83
N MET A 30 -7.61 2.89 2.56
CA MET A 30 -8.31 3.94 3.30
C MET A 30 -8.81 3.40 4.65
N LEU A 31 -9.30 4.29 5.51
CA LEU A 31 -9.87 3.94 6.80
C LEU A 31 -11.07 3.07 6.54
N LYS A 32 -11.32 2.13 7.43
CA LYS A 32 -12.46 1.21 7.33
C LYS A 32 -13.26 1.26 8.62
N SER A 33 -12.97 2.22 9.51
CA SER A 33 -13.72 2.31 10.75
C SER A 33 -15.14 2.81 10.44
N LEU A 34 -16.05 2.76 11.41
CA LEU A 34 -17.41 3.23 11.24
C LEU A 34 -17.95 3.97 12.45
N ALA A 35 -17.34 3.76 13.62
CA ALA A 35 -17.71 4.35 14.90
C ALA A 35 -16.52 5.09 15.52
N GLU A 36 -15.58 5.57 14.69
CA GLU A 36 -14.37 6.31 15.02
C GLU A 36 -13.66 5.77 16.26
N LEU A 37 -12.97 4.67 16.00
CA LEU A 37 -12.17 3.88 16.93
C LEU A 37 -11.03 4.63 17.61
N GLY A 38 -10.76 5.88 17.20
CA GLY A 38 -9.73 6.73 17.73
C GLY A 38 -9.10 7.47 16.56
N ASP A 39 -7.91 7.00 16.18
CA ASP A 39 -7.01 7.46 15.13
C ASP A 39 -5.61 6.98 15.53
N CYS A 40 -5.06 5.97 14.85
CA CYS A 40 -3.73 5.47 15.19
C CYS A 40 -2.61 6.21 14.46
N ASN A 41 -2.90 7.26 13.68
CA ASN A 41 -1.91 8.03 12.92
C ASN A 41 -1.10 7.04 12.04
N GLU A 42 -1.79 6.02 11.52
CA GLU A 42 -1.28 4.95 10.67
C GLU A 42 -1.16 5.40 9.21
N ASP A 43 -0.48 4.62 8.36
CA ASP A 43 -0.30 4.98 6.95
C ASP A 43 -1.36 4.34 6.08
N LEU A 44 -1.55 4.94 4.92
CA LEU A 44 -2.48 4.54 3.88
C LEU A 44 -1.74 4.13 2.62
N GLU A 45 -0.42 4.34 2.50
CA GLU A 45 0.38 3.98 1.34
C GLU A 45 1.53 3.03 1.77
N GLN A 46 1.89 2.12 0.87
CA GLN A 46 2.95 1.13 0.98
C GLN A 46 3.74 1.15 -0.34
N ALA A 47 4.97 0.63 -0.30
CA ALA A 47 5.92 0.54 -1.40
C ALA A 47 6.62 -0.82 -1.38
N GLU A 48 7.10 -1.27 -2.55
CA GLU A 48 7.80 -2.54 -2.69
C GLU A 48 8.78 -2.45 -3.85
N LYS A 49 10.03 -2.89 -3.63
CA LYS A 49 11.06 -2.88 -4.65
C LYS A 49 10.72 -3.87 -5.73
N CYS A 50 10.81 -3.43 -6.97
CA CYS A 50 10.58 -4.21 -8.16
C CYS A 50 11.66 -3.72 -9.12
N MET A 51 12.29 -4.60 -9.87
CA MET A 51 13.32 -4.20 -10.81
C MET A 51 13.25 -5.16 -11.96
N LEU A 52 12.83 -4.63 -13.09
CA LEU A 52 12.74 -5.38 -14.33
C LEU A 52 14.17 -5.74 -14.77
N PRO A 53 14.34 -6.67 -15.72
CA PRO A 53 15.67 -7.04 -16.21
C PRO A 53 16.25 -5.87 -17.01
N GLU A 54 17.49 -5.95 -17.49
CA GLU A 54 18.05 -4.86 -18.29
C GLU A 54 17.29 -4.84 -19.62
N CYS A 55 17.02 -3.65 -20.15
CA CYS A 55 16.33 -3.56 -21.43
C CYS A 55 17.30 -4.04 -22.50
N PRO A 56 16.84 -4.73 -23.55
CA PRO A 56 17.72 -5.17 -24.62
C PRO A 56 18.13 -3.92 -25.41
N GLY A 1 -13.20 -4.80 26.57
CA GLY A 1 -12.60 -5.37 25.36
C GLY A 1 -12.86 -4.44 24.21
N SER A 2 -11.82 -4.05 23.47
CA SER A 2 -11.93 -3.15 22.34
C SER A 2 -11.25 -3.76 21.10
N ILE A 3 -11.67 -3.29 19.92
CA ILE A 3 -11.16 -3.72 18.63
C ILE A 3 -9.78 -3.13 18.32
N PRO A 4 -9.06 -3.65 17.30
CA PRO A 4 -7.76 -3.14 16.91
C PRO A 4 -7.98 -1.93 15.96
N CYS A 5 -6.99 -1.58 15.13
CA CYS A 5 -7.09 -0.49 14.17
C CYS A 5 -8.18 -0.92 13.16
N LEU A 6 -9.33 -0.25 13.11
CA LEU A 6 -10.43 -0.58 12.19
C LEU A 6 -10.06 -0.16 10.76
N LEU A 7 -9.24 -0.98 10.11
CA LEU A 7 -8.73 -0.79 8.76
C LEU A 7 -9.09 -2.02 7.94
N SER A 8 -9.24 -1.85 6.63
CA SER A 8 -9.54 -2.92 5.69
C SER A 8 -8.20 -3.41 5.09
N PRO A 9 -8.18 -4.58 4.43
CA PRO A 9 -6.96 -5.09 3.82
C PRO A 9 -6.58 -4.21 2.63
N TRP A 10 -5.28 -4.15 2.33
CA TRP A 10 -4.77 -3.35 1.22
C TRP A 10 -5.29 -3.89 -0.10
N SER A 11 -5.44 -3.01 -1.10
CA SER A 11 -5.90 -3.47 -2.40
C SER A 11 -4.77 -4.31 -3.01
N GLU A 12 -5.08 -5.09 -4.02
CA GLU A 12 -4.08 -5.93 -4.65
C GLU A 12 -3.09 -5.08 -5.45
N TRP A 13 -1.81 -5.49 -5.39
CA TRP A 13 -0.70 -4.84 -6.08
C TRP A 13 -0.94 -4.83 -7.60
N SER A 14 -0.15 -4.02 -8.30
CA SER A 14 -0.18 -3.87 -9.75
C SER A 14 1.24 -4.03 -10.28
N ASP A 15 1.38 -3.94 -11.61
CA ASP A 15 2.70 -4.03 -12.24
C ASP A 15 3.49 -2.81 -11.73
N CYS A 16 4.81 -2.94 -11.72
CA CYS A 16 5.70 -1.89 -11.25
C CYS A 16 5.67 -0.67 -12.17
N SER A 17 6.18 0.46 -11.68
CA SER A 17 6.19 1.72 -12.43
C SER A 17 7.15 1.58 -13.61
N VAL A 18 8.46 1.71 -13.37
CA VAL A 18 9.49 1.60 -14.39
C VAL A 18 9.42 0.16 -14.96
N THR A 19 10.03 -0.09 -16.12
CA THR A 19 9.99 -1.40 -16.76
C THR A 19 11.38 -2.09 -16.80
N CYS A 20 12.42 -1.45 -16.26
CA CYS A 20 13.77 -2.01 -16.19
C CYS A 20 14.62 -1.18 -15.23
N GLY A 21 15.52 -1.85 -14.53
CA GLY A 21 16.43 -1.25 -13.56
C GLY A 21 15.70 -0.91 -12.26
N LYS A 22 16.33 -0.06 -11.44
CA LYS A 22 15.79 0.38 -10.16
C LYS A 22 14.41 0.96 -10.38
N GLY A 23 13.44 0.49 -9.59
CA GLY A 23 12.06 0.89 -9.63
C GLY A 23 11.29 0.46 -8.40
N MET A 24 9.99 0.71 -8.42
CA MET A 24 9.08 0.34 -7.34
C MET A 24 7.67 0.24 -7.90
N ARG A 25 6.79 -0.35 -7.11
CA ARG A 25 5.37 -0.52 -7.39
C ARG A 25 4.63 0.15 -6.24
N THR A 26 3.36 0.49 -6.42
CA THR A 26 2.57 1.13 -5.39
C THR A 26 1.16 0.54 -5.35
N ARG A 27 0.45 0.77 -4.24
CA ARG A 27 -0.93 0.36 -3.99
C ARG A 27 -1.46 1.24 -2.87
N GLN A 28 -2.76 1.22 -2.66
CA GLN A 28 -3.41 2.02 -1.64
C GLN A 28 -4.56 1.23 -1.00
N ARG A 29 -5.19 1.85 -0.01
CA ARG A 29 -6.32 1.31 0.73
C ARG A 29 -7.10 2.50 1.28
N MET A 30 -8.27 2.24 1.85
CA MET A 30 -9.14 3.23 2.45
C MET A 30 -9.44 2.74 3.87
N LEU A 31 -9.94 3.62 4.74
CA LEU A 31 -10.30 3.23 6.10
C LEU A 31 -11.71 2.65 6.08
N LYS A 32 -12.17 2.10 7.22
CA LYS A 32 -13.51 1.53 7.37
C LYS A 32 -14.14 1.93 8.69
N SER A 33 -13.50 2.79 9.48
CA SER A 33 -14.00 3.24 10.76
C SER A 33 -15.41 3.81 10.59
N LEU A 34 -16.40 3.19 11.22
CA LEU A 34 -17.80 3.61 11.17
C LEU A 34 -18.11 4.59 12.31
N ALA A 35 -17.13 4.84 13.18
CA ALA A 35 -17.18 5.74 14.31
C ALA A 35 -16.00 6.70 14.13
N GLU A 36 -14.83 6.34 14.67
CA GLU A 36 -13.61 7.11 14.63
C GLU A 36 -12.43 6.15 14.83
N LEU A 37 -11.25 6.52 14.34
CA LEU A 37 -10.00 5.78 14.43
C LEU A 37 -8.89 6.80 14.12
N GLY A 38 -8.31 7.41 15.14
CA GLY A 38 -7.26 8.40 15.02
C GLY A 38 -6.26 8.13 16.13
N ASP A 39 -5.62 6.96 16.06
CA ASP A 39 -4.63 6.54 17.06
C ASP A 39 -3.50 5.69 16.44
N CYS A 40 -3.81 4.80 15.49
CA CYS A 40 -2.79 3.96 14.87
C CYS A 40 -1.86 4.80 14.00
N ASN A 41 -0.69 4.26 13.65
CA ASN A 41 0.33 4.95 12.86
C ASN A 41 0.51 4.31 11.48
N GLU A 42 -0.52 3.66 10.93
CA GLU A 42 -0.45 3.03 9.61
C GLU A 42 -0.49 4.10 8.50
N ASP A 43 -0.87 3.72 7.27
CA ASP A 43 -0.96 4.62 6.14
C ASP A 43 -2.06 4.16 5.19
N LEU A 44 -2.44 5.00 4.23
CA LEU A 44 -3.44 4.80 3.20
C LEU A 44 -2.76 4.46 1.87
N GLU A 45 -1.44 4.60 1.78
CA GLU A 45 -0.64 4.31 0.60
C GLU A 45 0.60 3.53 0.99
N GLN A 46 1.06 2.63 0.12
CA GLN A 46 2.23 1.80 0.31
C GLN A 46 2.97 1.65 -1.02
N ALA A 47 4.25 1.35 -0.90
CA ALA A 47 5.18 1.13 -2.01
C ALA A 47 6.19 0.06 -1.63
N GLU A 48 6.83 -0.56 -2.63
CA GLU A 48 7.86 -1.57 -2.45
C GLU A 48 8.77 -1.55 -3.67
N LYS A 49 10.06 -1.78 -3.46
CA LYS A 49 11.09 -1.82 -4.46
C LYS A 49 10.81 -2.95 -5.42
N CYS A 50 11.04 -2.72 -6.69
CA CYS A 50 10.84 -3.67 -7.75
C CYS A 50 11.94 -3.36 -8.76
N MET A 51 13.16 -3.86 -8.52
CA MET A 51 14.26 -3.63 -9.44
C MET A 51 14.02 -4.60 -10.57
N LEU A 52 13.34 -4.13 -11.61
CA LEU A 52 13.09 -4.96 -12.77
C LEU A 52 14.47 -5.25 -13.39
N PRO A 53 14.60 -6.30 -14.21
CA PRO A 53 15.85 -6.65 -14.84
C PRO A 53 16.34 -5.57 -15.81
N GLU A 54 17.47 -5.81 -16.45
CA GLU A 54 18.05 -4.88 -17.41
C GLU A 54 17.04 -4.63 -18.55
N CYS A 55 17.11 -3.45 -19.14
CA CYS A 55 16.24 -2.99 -20.22
C CYS A 55 16.25 -3.88 -21.47
N PRO A 56 15.16 -4.60 -21.75
CA PRO A 56 15.02 -5.45 -22.92
C PRO A 56 14.59 -4.59 -24.13
N GLY A 1 -11.10 6.56 22.45
CA GLY A 1 -11.01 5.59 23.53
C GLY A 1 -10.06 4.49 23.13
N SER A 2 -9.49 3.74 24.07
CA SER A 2 -8.56 2.66 23.79
C SER A 2 -9.25 1.60 22.89
N ILE A 3 -8.97 1.57 21.59
CA ILE A 3 -9.57 0.65 20.62
C ILE A 3 -8.57 0.18 19.57
N PRO A 4 -8.86 -0.91 18.82
CA PRO A 4 -7.95 -1.36 17.80
C PRO A 4 -8.04 -0.50 16.53
N CYS A 5 -6.98 -0.51 15.71
CA CYS A 5 -6.93 0.22 14.45
C CYS A 5 -7.73 -0.56 13.40
N LEU A 6 -9.04 -0.34 13.32
CA LEU A 6 -9.93 -1.03 12.39
C LEU A 6 -9.65 -0.56 10.95
N LEU A 7 -8.82 -1.33 10.23
CA LEU A 7 -8.39 -1.07 8.86
C LEU A 7 -8.70 -2.25 7.94
N SER A 8 -8.90 -1.97 6.65
CA SER A 8 -9.17 -2.97 5.63
C SER A 8 -7.86 -3.60 5.14
N PRO A 9 -7.91 -4.78 4.51
CA PRO A 9 -6.73 -5.41 3.95
C PRO A 9 -6.32 -4.54 2.75
N TRP A 10 -5.13 -4.76 2.21
CA TRP A 10 -4.70 -3.94 1.08
C TRP A 10 -5.24 -4.42 -0.25
N SER A 11 -5.37 -3.47 -1.18
CA SER A 11 -5.83 -3.76 -2.52
C SER A 11 -4.72 -4.54 -3.25
N GLU A 12 -5.02 -5.08 -4.42
CA GLU A 12 -4.01 -5.82 -5.18
C GLU A 12 -3.09 -4.84 -5.88
N TRP A 13 -1.81 -5.17 -5.83
CA TRP A 13 -0.72 -4.38 -6.39
C TRP A 13 -0.92 -4.10 -7.88
N SER A 14 -0.64 -2.86 -8.21
CA SER A 14 -0.69 -2.26 -9.52
C SER A 14 0.61 -2.61 -10.27
N ASP A 15 0.85 -1.98 -11.42
CA ASP A 15 2.05 -2.19 -12.21
C ASP A 15 3.23 -1.47 -11.53
N CYS A 16 4.46 -1.74 -11.95
CA CYS A 16 5.62 -1.09 -11.38
C CYS A 16 5.83 0.27 -12.04
N SER A 17 6.50 1.17 -11.31
CA SER A 17 6.84 2.53 -11.70
C SER A 17 7.92 2.55 -12.81
N VAL A 18 8.37 1.40 -13.31
CA VAL A 18 9.38 1.29 -14.35
C VAL A 18 9.17 -0.01 -15.13
N THR A 19 9.68 -0.09 -16.36
CA THR A 19 9.59 -1.30 -17.16
C THR A 19 10.90 -2.08 -17.07
N CYS A 20 12.02 -1.41 -16.78
CA CYS A 20 13.33 -2.00 -16.66
C CYS A 20 14.20 -1.26 -15.66
N GLY A 21 15.16 -1.99 -15.10
CA GLY A 21 16.12 -1.51 -14.13
C GLY A 21 15.47 -1.04 -12.84
N LYS A 22 16.12 -0.09 -12.16
CA LYS A 22 15.68 0.49 -10.89
C LYS A 22 14.20 0.83 -10.93
N GLY A 23 13.42 0.33 -9.98
CA GLY A 23 12.00 0.61 -9.94
C GLY A 23 11.37 0.01 -8.70
N MET A 24 10.16 0.47 -8.41
CA MET A 24 9.33 0.06 -7.28
C MET A 24 7.87 0.11 -7.71
N ARG A 25 6.98 -0.46 -6.92
CA ARG A 25 5.54 -0.49 -7.13
C ARG A 25 4.91 0.11 -5.87
N THR A 26 3.64 0.51 -5.94
CA THR A 26 2.90 1.07 -4.82
C THR A 26 1.46 0.51 -4.87
N ARG A 27 0.74 0.58 -3.76
CA ARG A 27 -0.64 0.15 -3.58
C ARG A 27 -1.17 0.93 -2.39
N GLN A 28 -2.48 1.02 -2.28
CA GLN A 28 -3.15 1.72 -1.19
C GLN A 28 -4.30 0.87 -0.66
N ARG A 29 -4.99 1.42 0.35
CA ARG A 29 -6.13 0.84 1.03
C ARG A 29 -6.88 1.97 1.73
N MET A 30 -7.97 1.64 2.41
CA MET A 30 -8.81 2.57 3.15
C MET A 30 -9.02 2.02 4.55
N LEU A 31 -9.42 2.90 5.46
CA LEU A 31 -9.72 2.50 6.83
C LEU A 31 -11.11 1.86 6.81
N LYS A 32 -11.49 1.16 7.87
CA LYS A 32 -12.83 0.57 7.93
C LYS A 32 -13.57 0.95 9.21
N SER A 33 -12.98 1.81 10.04
CA SER A 33 -13.61 2.28 11.24
C SER A 33 -14.73 3.20 10.76
N LEU A 34 -15.98 2.76 10.90
CA LEU A 34 -17.14 3.55 10.49
C LEU A 34 -17.25 4.85 11.29
N ALA A 35 -16.52 4.97 12.41
CA ALA A 35 -16.48 6.14 13.27
C ALA A 35 -15.24 6.99 12.95
N GLU A 36 -14.40 6.56 12.02
CA GLU A 36 -13.17 7.18 11.56
C GLU A 36 -12.33 7.59 12.76
N LEU A 37 -11.91 6.57 13.52
CA LEU A 37 -11.10 6.68 14.73
C LEU A 37 -10.00 7.73 14.69
N GLY A 38 -9.15 7.75 13.66
CA GLY A 38 -8.04 8.70 13.54
C GLY A 38 -7.17 8.74 14.81
N ASP A 39 -7.18 7.67 15.60
CA ASP A 39 -6.46 7.52 16.85
C ASP A 39 -5.06 6.93 16.63
N CYS A 40 -4.97 5.92 15.77
CA CYS A 40 -3.74 5.24 15.41
C CYS A 40 -2.88 6.10 14.47
N ASN A 41 -1.68 5.60 14.15
CA ASN A 41 -0.70 6.24 13.27
C ASN A 41 -0.27 5.22 12.21
N GLU A 42 -1.24 4.56 11.61
CA GLU A 42 -1.11 3.53 10.58
C GLU A 42 -0.67 4.07 9.21
N ASP A 43 -0.67 3.16 8.23
CA ASP A 43 -0.32 3.35 6.83
C ASP A 43 -1.50 2.93 5.95
N LEU A 44 -1.81 3.76 4.96
CA LEU A 44 -2.87 3.58 3.97
C LEU A 44 -2.28 3.51 2.56
N GLU A 45 -1.02 3.87 2.38
CA GLU A 45 -0.24 3.84 1.14
C GLU A 45 1.12 3.28 1.58
N GLN A 46 1.72 2.49 0.71
CA GLN A 46 2.99 1.84 0.93
C GLN A 46 3.70 1.71 -0.44
N ALA A 47 4.95 1.26 -0.41
CA ALA A 47 5.79 1.03 -1.58
C ALA A 47 6.55 -0.29 -1.41
N GLU A 48 6.98 -0.90 -2.51
CA GLU A 48 7.70 -2.17 -2.52
C GLU A 48 8.71 -2.16 -3.67
N LYS A 49 9.88 -2.77 -3.46
CA LYS A 49 10.91 -2.83 -4.50
C LYS A 49 10.42 -3.73 -5.63
N CYS A 50 10.74 -3.40 -6.88
CA CYS A 50 10.31 -4.18 -8.04
C CYS A 50 11.44 -4.43 -9.04
N MET A 51 12.38 -3.48 -9.15
CA MET A 51 13.57 -3.44 -10.01
C MET A 51 13.54 -4.47 -11.14
N LEU A 52 12.86 -4.11 -12.22
CA LEU A 52 12.70 -4.96 -13.38
C LEU A 52 14.07 -5.27 -14.03
N PRO A 53 14.17 -6.28 -14.90
CA PRO A 53 15.42 -6.61 -15.59
C PRO A 53 15.77 -5.44 -16.52
N GLU A 54 16.97 -5.37 -17.10
CA GLU A 54 17.27 -4.25 -17.99
C GLU A 54 16.43 -4.30 -19.26
N CYS A 55 16.25 -3.13 -19.89
CA CYS A 55 15.48 -3.03 -21.11
C CYS A 55 16.27 -3.60 -22.28
N PRO A 56 15.70 -4.54 -23.06
CA PRO A 56 16.37 -5.11 -24.22
C PRO A 56 16.16 -4.16 -25.41
N GLY A 1 -13.57 -0.19 25.95
CA GLY A 1 -12.23 0.14 26.44
C GLY A 1 -11.33 0.33 25.24
N SER A 2 -10.02 0.13 25.41
CA SER A 2 -9.08 0.26 24.31
C SER A 2 -9.35 -0.86 23.31
N ILE A 3 -9.27 -0.55 22.03
CA ILE A 3 -9.47 -1.45 20.90
C ILE A 3 -8.52 -1.08 19.77
N PRO A 4 -8.20 -2.01 18.86
CA PRO A 4 -7.30 -1.69 17.78
C PRO A 4 -8.00 -0.87 16.70
N CYS A 5 -7.20 -0.28 15.83
CA CYS A 5 -7.63 0.57 14.73
C CYS A 5 -8.15 -0.28 13.56
N LEU A 6 -9.48 -0.24 13.36
CA LEU A 6 -10.18 -0.97 12.30
C LEU A 6 -9.74 -0.43 10.94
N LEU A 7 -9.04 -1.26 10.16
CA LEU A 7 -8.55 -0.93 8.83
C LEU A 7 -8.92 -2.05 7.85
N SER A 8 -8.77 -1.76 6.56
CA SER A 8 -9.03 -2.68 5.47
C SER A 8 -7.76 -3.47 5.15
N PRO A 9 -7.85 -4.63 4.50
CA PRO A 9 -6.66 -5.37 4.13
C PRO A 9 -6.02 -4.55 3.00
N TRP A 10 -4.72 -4.73 2.75
CA TRP A 10 -4.06 -4.01 1.67
C TRP A 10 -4.72 -4.42 0.36
N SER A 11 -5.22 -3.43 -0.39
CA SER A 11 -5.87 -3.67 -1.67
C SER A 11 -4.84 -4.19 -2.67
N GLU A 12 -5.29 -4.42 -3.90
CA GLU A 12 -4.41 -4.93 -4.93
C GLU A 12 -3.33 -3.94 -5.34
N TRP A 13 -2.17 -4.52 -5.63
CA TRP A 13 -0.97 -3.88 -6.09
C TRP A 13 -1.12 -3.49 -7.57
N SER A 14 -0.41 -2.44 -7.95
CA SER A 14 -0.34 -1.94 -9.30
C SER A 14 0.95 -2.58 -9.85
N ASP A 15 1.27 -2.41 -11.12
CA ASP A 15 2.48 -2.99 -11.67
C ASP A 15 3.61 -1.99 -11.33
N CYS A 16 4.87 -2.39 -11.46
CA CYS A 16 5.98 -1.49 -11.16
C CYS A 16 5.97 -0.32 -12.13
N SER A 17 6.39 0.86 -11.66
CA SER A 17 6.40 2.06 -12.46
C SER A 17 7.34 1.86 -13.65
N VAL A 18 8.63 1.60 -13.37
CA VAL A 18 9.60 1.38 -14.43
C VAL A 18 9.27 0.07 -15.14
N THR A 19 9.61 0.01 -16.42
CA THR A 19 9.39 -1.20 -17.21
C THR A 19 10.63 -2.08 -17.18
N CYS A 20 11.81 -1.49 -16.91
CA CYS A 20 13.08 -2.18 -16.85
C CYS A 20 14.05 -1.47 -15.91
N GLY A 21 15.00 -2.23 -15.38
CA GLY A 21 16.02 -1.71 -14.48
C GLY A 21 15.48 -1.37 -13.09
N LYS A 22 16.22 -0.56 -12.33
CA LYS A 22 15.85 -0.15 -10.97
C LYS A 22 14.50 0.58 -11.01
N GLY A 23 13.55 0.18 -10.17
CA GLY A 23 12.22 0.75 -10.07
C GLY A 23 11.57 0.36 -8.75
N MET A 24 10.29 0.70 -8.59
CA MET A 24 9.45 0.41 -7.45
C MET A 24 7.99 0.42 -7.87
N ARG A 25 7.12 0.02 -6.95
CA ARG A 25 5.70 -0.12 -7.09
C ARG A 25 5.05 0.35 -5.79
N THR A 26 3.75 0.67 -5.82
CA THR A 26 3.00 1.10 -4.65
C THR A 26 1.57 0.52 -4.67
N ARG A 27 0.87 0.58 -3.53
CA ARG A 27 -0.51 0.14 -3.36
C ARG A 27 -1.11 0.88 -2.18
N GLN A 28 -2.43 0.94 -2.13
CA GLN A 28 -3.17 1.61 -1.07
C GLN A 28 -4.33 0.73 -0.63
N ARG A 29 -5.12 1.27 0.29
CA ARG A 29 -6.32 0.71 0.89
C ARG A 29 -7.10 1.90 1.43
N MET A 30 -8.29 1.66 1.94
CA MET A 30 -9.15 2.70 2.50
C MET A 30 -9.41 2.40 3.96
N LEU A 31 -9.89 3.39 4.69
CA LEU A 31 -10.19 3.27 6.10
C LEU A 31 -11.63 2.76 6.24
N LYS A 32 -11.76 1.50 6.66
CA LYS A 32 -13.05 0.82 6.83
C LYS A 32 -13.63 1.07 8.24
N SER A 33 -13.38 2.23 8.83
CA SER A 33 -13.89 2.54 10.16
C SER A 33 -15.44 2.53 10.20
N LEU A 34 -16.02 2.70 11.40
CA LEU A 34 -17.46 2.70 11.60
C LEU A 34 -17.96 3.93 12.36
N ALA A 35 -17.08 4.78 12.86
CA ALA A 35 -17.41 5.99 13.59
C ALA A 35 -16.42 7.07 13.14
N GLU A 36 -15.19 6.98 13.62
CA GLU A 36 -14.06 7.84 13.36
C GLU A 36 -12.83 6.98 13.68
N LEU A 37 -11.68 7.25 13.07
CA LEU A 37 -10.42 6.53 13.31
C LEU A 37 -9.28 7.54 13.37
N GLY A 38 -8.03 7.11 13.16
CA GLY A 38 -6.84 7.95 13.23
C GLY A 38 -6.22 7.90 14.63
N ASP A 39 -6.71 7.00 15.49
CA ASP A 39 -6.24 6.80 16.86
C ASP A 39 -4.83 6.22 16.88
N CYS A 40 -4.45 5.54 15.79
CA CYS A 40 -3.16 4.92 15.60
C CYS A 40 -2.27 5.84 14.75
N ASN A 41 -1.15 5.27 14.34
CA ASN A 41 -0.08 5.83 13.53
C ASN A 41 0.12 4.97 12.27
N GLU A 42 -0.97 4.37 11.76
CA GLU A 42 -0.96 3.51 10.58
C GLU A 42 -0.78 4.29 9.27
N ASP A 43 -0.82 3.54 8.17
CA ASP A 43 -0.70 4.01 6.81
C ASP A 43 -1.80 3.37 5.98
N LEU A 44 -2.26 4.09 4.96
CA LEU A 44 -3.29 3.66 4.00
C LEU A 44 -2.62 3.40 2.64
N GLU A 45 -1.31 3.63 2.52
CA GLU A 45 -0.47 3.43 1.34
C GLU A 45 0.83 2.74 1.76
N GLN A 46 1.43 1.99 0.83
CA GLN A 46 2.68 1.26 0.98
C GLN A 46 3.36 1.18 -0.38
N ALA A 47 4.66 0.93 -0.35
CA ALA A 47 5.52 0.80 -1.52
C ALA A 47 6.50 -0.35 -1.39
N GLU A 48 7.05 -0.84 -2.50
CA GLU A 48 8.03 -1.93 -2.55
C GLU A 48 8.94 -1.74 -3.76
N LYS A 49 10.25 -1.84 -3.56
CA LYS A 49 11.26 -1.73 -4.61
C LYS A 49 11.13 -2.95 -5.54
N CYS A 50 11.21 -2.78 -6.85
CA CYS A 50 11.11 -3.89 -7.79
C CYS A 50 11.91 -3.49 -9.02
N MET A 51 13.06 -4.14 -9.20
CA MET A 51 13.92 -3.88 -10.33
C MET A 51 13.56 -4.86 -11.42
N LEU A 52 12.87 -4.38 -12.45
CA LEU A 52 12.46 -5.18 -13.60
C LEU A 52 13.74 -5.57 -14.37
N PRO A 53 13.66 -6.56 -15.29
CA PRO A 53 14.83 -6.96 -16.07
C PRO A 53 15.24 -5.79 -16.97
N GLU A 54 16.36 -5.91 -17.67
CA GLU A 54 16.81 -4.86 -18.57
C GLU A 54 15.84 -4.77 -19.77
N CYS A 55 15.68 -3.58 -20.33
CA CYS A 55 14.82 -3.41 -21.51
C CYS A 55 15.60 -3.91 -22.73
N PRO A 56 14.91 -4.35 -23.79
CA PRO A 56 15.55 -4.82 -25.00
C PRO A 56 16.15 -3.61 -25.72
N GLY A 1 -17.30 3.70 22.80
CA GLY A 1 -16.45 2.62 23.29
C GLY A 1 -15.11 2.64 22.58
N SER A 2 -14.08 2.08 23.23
CA SER A 2 -12.71 2.03 22.70
C SER A 2 -12.59 0.91 21.68
N ILE A 3 -12.76 1.24 20.41
CA ILE A 3 -12.68 0.27 19.32
C ILE A 3 -11.25 0.11 18.81
N PRO A 4 -10.88 -1.07 18.30
CA PRO A 4 -9.56 -1.25 17.75
C PRO A 4 -9.52 -0.63 16.33
N CYS A 5 -8.33 -0.36 15.79
CA CYS A 5 -8.11 0.22 14.46
C CYS A 5 -8.87 -0.56 13.37
N LEU A 6 -10.05 -0.06 13.00
CA LEU A 6 -10.94 -0.66 12.01
C LEU A 6 -10.43 -0.45 10.58
N LEU A 7 -9.36 -1.16 10.24
CA LEU A 7 -8.69 -1.12 8.97
C LEU A 7 -9.20 -2.24 8.06
N SER A 8 -8.63 -2.31 6.86
CA SER A 8 -8.90 -3.28 5.83
C SER A 8 -7.59 -3.99 5.52
N PRO A 9 -7.62 -5.17 4.89
CA PRO A 9 -6.39 -5.84 4.54
C PRO A 9 -5.76 -5.02 3.40
N TRP A 10 -4.43 -5.05 3.27
CA TRP A 10 -3.77 -4.32 2.19
C TRP A 10 -4.27 -4.88 0.87
N SER A 11 -4.84 -4.01 0.04
CA SER A 11 -5.37 -4.38 -1.27
C SER A 11 -4.21 -4.86 -2.14
N GLU A 12 -4.51 -5.52 -3.26
CA GLU A 12 -3.46 -6.04 -4.15
C GLU A 12 -2.61 -4.91 -4.76
N TRP A 13 -1.40 -5.30 -5.17
CA TRP A 13 -0.38 -4.49 -5.81
C TRP A 13 -0.73 -4.20 -7.27
N SER A 14 0.06 -3.39 -7.96
CA SER A 14 -0.12 -3.01 -9.35
C SER A 14 1.22 -3.15 -10.09
N ASP A 15 1.25 -2.74 -11.36
CA ASP A 15 2.47 -2.81 -12.16
C ASP A 15 3.47 -1.82 -11.53
N CYS A 16 4.76 -2.01 -11.76
CA CYS A 16 5.76 -1.11 -11.21
C CYS A 16 5.66 0.26 -11.90
N SER A 17 6.17 1.30 -11.25
CA SER A 17 6.16 2.65 -11.77
C SER A 17 6.98 2.68 -13.07
N VAL A 18 8.16 2.06 -13.08
CA VAL A 18 9.05 2.01 -14.24
C VAL A 18 8.63 0.88 -15.19
N THR A 19 9.12 0.92 -16.42
CA THR A 19 8.88 -0.04 -17.47
C THR A 19 10.05 -1.02 -17.64
N CYS A 20 11.27 -0.63 -17.25
CA CYS A 20 12.47 -1.45 -17.34
C CYS A 20 13.49 -0.95 -16.32
N GLY A 21 14.41 -1.82 -15.90
CA GLY A 21 15.46 -1.51 -14.95
C GLY A 21 14.92 -1.16 -13.57
N LYS A 22 15.74 -0.47 -12.77
CA LYS A 22 15.42 -0.05 -11.40
C LYS A 22 14.07 0.66 -11.32
N GLY A 23 13.33 0.40 -10.26
CA GLY A 23 12.01 0.97 -10.04
C GLY A 23 11.44 0.65 -8.66
N MET A 24 10.19 1.02 -8.44
CA MET A 24 9.46 0.78 -7.21
C MET A 24 7.97 0.68 -7.55
N ARG A 25 7.26 -0.20 -6.85
CA ARG A 25 5.82 -0.42 -7.02
C ARG A 25 5.17 0.07 -5.73
N THR A 26 3.86 0.29 -5.71
CA THR A 26 3.15 0.75 -4.52
C THR A 26 1.76 0.14 -4.46
N ARG A 27 1.14 0.17 -3.28
CA ARG A 27 -0.20 -0.32 -3.05
C ARG A 27 -0.80 0.48 -1.91
N GLN A 28 -2.13 0.61 -1.91
CA GLN A 28 -2.84 1.32 -0.87
C GLN A 28 -4.09 0.54 -0.43
N ARG A 29 -4.77 1.05 0.59
CA ARG A 29 -5.99 0.51 1.18
C ARG A 29 -6.83 1.67 1.72
N MET A 30 -7.95 1.40 2.39
CA MET A 30 -8.84 2.43 2.95
C MET A 30 -9.35 1.94 4.30
N LEU A 31 -9.66 2.84 5.24
CA LEU A 31 -10.18 2.41 6.54
C LEU A 31 -11.60 1.86 6.36
N LYS A 32 -12.09 1.09 7.33
CA LYS A 32 -13.42 0.46 7.32
C LYS A 32 -14.33 0.98 8.44
N SER A 33 -13.85 2.00 9.16
CA SER A 33 -14.52 2.65 10.26
C SER A 33 -15.81 3.32 9.79
N LEU A 34 -16.79 3.47 10.69
CA LEU A 34 -18.03 4.15 10.35
C LEU A 34 -17.83 5.67 10.51
N ALA A 35 -16.78 6.08 11.21
CA ALA A 35 -16.39 7.44 11.49
C ALA A 35 -14.87 7.48 11.30
N GLU A 36 -14.35 8.62 10.88
CA GLU A 36 -12.95 8.87 10.63
C GLU A 36 -12.23 8.87 11.97
N LEU A 37 -11.63 7.73 12.31
CA LEU A 37 -10.89 7.52 13.54
C LEU A 37 -9.51 8.15 13.40
N GLY A 38 -8.72 8.21 14.48
CA GLY A 38 -7.40 8.81 14.39
C GLY A 38 -6.52 8.56 15.61
N ASP A 39 -6.92 7.66 16.52
CA ASP A 39 -6.11 7.36 17.70
C ASP A 39 -4.99 6.38 17.34
N CYS A 40 -5.11 5.70 16.20
CA CYS A 40 -4.15 4.73 15.70
C CYS A 40 -3.03 5.41 14.91
N ASN A 41 -1.95 4.66 14.64
CA ASN A 41 -0.78 5.17 13.93
C ASN A 41 -0.23 4.15 12.92
N GLU A 42 -1.08 3.64 12.02
CA GLU A 42 -0.68 2.70 10.97
C GLU A 42 -0.48 3.46 9.65
N ASP A 43 -0.52 2.77 8.52
CA ASP A 43 -0.34 3.32 7.18
C ASP A 43 -1.42 2.78 6.25
N LEU A 44 -1.74 3.54 5.20
CA LEU A 44 -2.72 3.20 4.17
C LEU A 44 -2.03 3.05 2.80
N GLU A 45 -0.76 3.43 2.64
CA GLU A 45 0.06 3.33 1.42
C GLU A 45 1.41 2.71 1.81
N GLN A 46 1.95 1.84 0.94
CA GLN A 46 3.25 1.20 1.11
C GLN A 46 3.90 1.05 -0.27
N ALA A 47 5.23 0.99 -0.29
CA ALA A 47 6.05 0.86 -1.48
C ALA A 47 7.04 -0.29 -1.35
N GLU A 48 7.33 -0.98 -2.45
CA GLU A 48 8.24 -2.11 -2.55
C GLU A 48 9.24 -1.86 -3.68
N LYS A 49 10.47 -2.36 -3.52
CA LYS A 49 11.51 -2.20 -4.52
C LYS A 49 11.15 -3.06 -5.73
N CYS A 50 11.53 -2.64 -6.93
CA CYS A 50 11.24 -3.39 -8.14
C CYS A 50 12.40 -3.17 -9.10
N MET A 51 12.60 -4.12 -10.00
CA MET A 51 13.62 -4.05 -11.01
C MET A 51 13.05 -4.76 -12.22
N LEU A 52 12.39 -4.02 -13.11
CA LEU A 52 11.86 -4.65 -14.32
C LEU A 52 13.09 -5.09 -15.15
N PRO A 53 12.93 -5.94 -16.18
CA PRO A 53 14.05 -6.36 -16.99
C PRO A 53 14.60 -5.18 -17.80
N GLU A 54 15.70 -5.38 -18.51
CA GLU A 54 16.26 -4.29 -19.33
C GLU A 54 15.25 -3.95 -20.42
N CYS A 55 15.24 -2.68 -20.83
CA CYS A 55 14.33 -2.15 -21.85
C CYS A 55 14.50 -2.91 -23.17
N PRO A 56 13.52 -3.72 -23.60
CA PRO A 56 13.61 -4.45 -24.86
C PRO A 56 13.38 -3.51 -26.04
N GLY A 1 -10.30 -8.27 22.18
CA GLY A 1 -11.70 -7.97 21.86
C GLY A 1 -11.73 -7.00 20.71
N SER A 2 -12.18 -5.77 20.95
CA SER A 2 -12.24 -4.75 19.92
C SER A 2 -10.84 -4.16 19.72
N ILE A 3 -10.63 -3.46 18.60
CA ILE A 3 -9.34 -2.85 18.29
C ILE A 3 -9.50 -1.35 18.01
N PRO A 4 -8.46 -0.54 18.25
CA PRO A 4 -8.53 0.90 18.03
C PRO A 4 -8.86 1.30 16.60
N CYS A 5 -8.08 0.77 15.66
CA CYS A 5 -8.21 1.03 14.23
C CYS A 5 -9.22 0.10 13.58
N LEU A 6 -10.05 0.64 12.69
CA LEU A 6 -11.05 -0.10 11.94
C LEU A 6 -10.94 0.38 10.51
N LEU A 7 -10.16 -0.34 9.70
CA LEU A 7 -9.94 -0.04 8.30
C LEU A 7 -9.76 -1.35 7.54
N SER A 8 -9.80 -1.29 6.21
CA SER A 8 -9.65 -2.46 5.36
C SER A 8 -8.19 -2.92 5.28
N PRO A 9 -7.95 -4.19 4.92
CA PRO A 9 -6.60 -4.68 4.76
C PRO A 9 -6.03 -4.11 3.45
N TRP A 10 -4.70 -4.10 3.33
CA TRP A 10 -4.02 -3.60 2.14
C TRP A 10 -4.52 -4.27 0.87
N SER A 11 -4.75 -3.52 -0.20
CA SER A 11 -5.18 -4.12 -1.45
C SER A 11 -3.98 -4.88 -2.04
N GLU A 12 -4.16 -5.48 -3.20
CA GLU A 12 -3.10 -6.25 -3.83
C GLU A 12 -2.01 -5.34 -4.45
N TRP A 13 -0.83 -5.92 -4.64
CA TRP A 13 0.31 -5.24 -5.22
C TRP A 13 0.19 -5.15 -6.74
N SER A 14 1.10 -4.40 -7.33
CA SER A 14 1.27 -4.16 -8.75
C SER A 14 2.71 -4.63 -9.02
N ASP A 15 3.06 -4.98 -10.25
CA ASP A 15 4.43 -5.42 -10.53
C ASP A 15 5.39 -4.28 -10.21
N CYS A 16 5.11 -3.10 -10.77
CA CYS A 16 5.87 -1.87 -10.60
C CYS A 16 5.27 -0.73 -11.41
N SER A 17 5.54 0.52 -10.99
CA SER A 17 5.06 1.69 -11.71
C SER A 17 5.84 1.83 -13.03
N VAL A 18 7.14 1.51 -13.01
CA VAL A 18 8.01 1.56 -14.19
C VAL A 18 7.75 0.28 -15.01
N THR A 19 8.52 0.10 -16.09
CA THR A 19 8.47 -1.06 -16.99
C THR A 19 9.87 -1.60 -17.26
N CYS A 20 10.91 -0.89 -16.80
CA CYS A 20 12.29 -1.26 -16.97
C CYS A 20 13.22 -0.47 -16.06
N GLY A 21 14.28 -1.13 -15.63
CA GLY A 21 15.30 -0.61 -14.77
C GLY A 21 14.78 -0.21 -13.39
N LYS A 22 15.41 0.79 -12.78
CA LYS A 22 15.07 1.33 -11.46
C LYS A 22 13.57 1.60 -11.34
N GLY A 23 12.95 1.25 -10.23
CA GLY A 23 11.53 1.46 -10.04
C GLY A 23 11.09 1.09 -8.63
N MET A 24 9.81 1.33 -8.35
CA MET A 24 9.18 1.01 -7.08
C MET A 24 7.72 0.74 -7.36
N ARG A 25 7.14 -0.22 -6.66
CA ARG A 25 5.73 -0.61 -6.76
C ARG A 25 5.02 -0.06 -5.54
N THR A 26 3.71 0.13 -5.61
CA THR A 26 2.90 0.62 -4.51
C THR A 26 1.58 -0.13 -4.45
N ARG A 27 0.85 0.07 -3.37
CA ARG A 27 -0.47 -0.50 -3.11
C ARG A 27 -1.10 0.38 -2.05
N GLN A 28 -2.41 0.54 -2.12
CA GLN A 28 -3.14 1.34 -1.15
C GLN A 28 -4.39 0.61 -0.70
N ARG A 29 -5.19 1.29 0.11
CA ARG A 29 -6.46 0.87 0.66
C ARG A 29 -7.26 2.14 0.96
N MET A 30 -8.42 2.02 1.60
CA MET A 30 -9.30 3.14 1.96
C MET A 30 -9.81 2.92 3.37
N LEU A 31 -9.91 3.96 4.19
CA LEU A 31 -10.41 3.85 5.57
C LEU A 31 -11.80 3.24 5.54
N LYS A 32 -12.07 2.33 6.48
CA LYS A 32 -13.35 1.66 6.60
C LYS A 32 -14.00 2.00 7.95
N SER A 33 -13.47 2.96 8.71
CA SER A 33 -14.08 3.25 10.02
C SER A 33 -15.48 3.80 9.81
N LEU A 34 -16.38 3.58 10.77
CA LEU A 34 -17.76 4.07 10.72
C LEU A 34 -17.77 5.59 10.59
N ALA A 35 -16.72 6.26 11.06
CA ALA A 35 -16.52 7.69 10.99
C ALA A 35 -15.04 7.92 10.67
N GLU A 36 -14.17 7.93 11.67
CA GLU A 36 -12.73 8.15 11.55
C GLU A 36 -12.03 7.37 12.68
N LEU A 37 -10.69 7.33 12.71
CA LEU A 37 -9.86 6.68 13.72
C LEU A 37 -8.47 7.29 13.65
N GLY A 38 -7.68 7.16 14.70
CA GLY A 38 -6.33 7.68 14.79
C GLY A 38 -5.76 7.26 16.13
N ASP A 39 -5.38 5.98 16.25
CA ASP A 39 -4.84 5.41 17.48
C ASP A 39 -3.76 4.37 17.18
N CYS A 40 -3.94 3.54 16.13
CA CYS A 40 -3.00 2.51 15.71
C CYS A 40 -1.84 3.12 14.93
N ASN A 41 -0.91 2.27 14.45
CA ASN A 41 0.24 2.70 13.68
C ASN A 41 0.22 2.04 12.31
N GLU A 42 -0.66 2.48 11.41
CA GLU A 42 -0.77 1.98 10.04
C GLU A 42 -0.87 3.18 9.07
N ASP A 43 -0.99 2.91 7.76
CA ASP A 43 -1.08 3.93 6.70
C ASP A 43 -2.10 3.48 5.65
N LEU A 44 -2.42 4.35 4.67
CA LEU A 44 -3.36 4.07 3.61
C LEU A 44 -2.65 3.70 2.32
N GLU A 45 -1.36 4.04 2.15
CA GLU A 45 -0.54 3.72 0.98
C GLU A 45 0.86 3.32 1.44
N GLN A 46 1.42 2.30 0.79
CA GLN A 46 2.75 1.75 1.04
C GLN A 46 3.45 1.50 -0.30
N ALA A 47 4.79 1.44 -0.27
CA ALA A 47 5.63 1.23 -1.45
C ALA A 47 6.76 0.23 -1.18
N GLU A 48 7.29 -0.41 -2.22
CA GLU A 48 8.38 -1.38 -2.14
C GLU A 48 9.30 -1.23 -3.35
N LYS A 49 10.55 -1.70 -3.21
CA LYS A 49 11.50 -1.64 -4.32
C LYS A 49 11.05 -2.57 -5.43
N CYS A 50 11.52 -2.29 -6.64
CA CYS A 50 11.26 -3.07 -7.82
C CYS A 50 12.41 -2.78 -8.79
N MET A 51 12.67 -3.66 -9.75
CA MET A 51 13.70 -3.45 -10.75
C MET A 51 13.28 -4.30 -11.94
N LEU A 52 12.53 -3.70 -12.85
CA LEU A 52 12.09 -4.44 -14.03
C LEU A 52 13.31 -4.61 -14.95
N PRO A 53 13.27 -5.58 -15.86
CA PRO A 53 14.36 -5.81 -16.80
C PRO A 53 14.42 -4.61 -17.74
N GLU A 54 15.61 -4.22 -18.19
CA GLU A 54 15.78 -3.05 -19.04
C GLU A 54 14.99 -3.08 -20.37
N CYS A 55 14.56 -1.88 -20.74
CA CYS A 55 13.81 -1.63 -21.97
C CYS A 55 14.75 -1.65 -23.18
N PRO A 56 14.25 -2.07 -24.35
CA PRO A 56 15.02 -2.09 -25.58
C PRO A 56 14.99 -0.70 -26.21
N GLY A 1 -10.69 -11.79 18.39
CA GLY A 1 -10.99 -10.38 18.13
C GLY A 1 -10.10 -9.88 17.02
N SER A 2 -9.64 -8.64 17.08
CA SER A 2 -8.74 -8.05 16.10
C SER A 2 -8.17 -6.75 16.70
N ILE A 3 -7.28 -6.08 15.96
CA ILE A 3 -6.68 -4.83 16.39
C ILE A 3 -7.77 -3.76 16.54
N PRO A 4 -7.52 -2.69 17.30
CA PRO A 4 -8.54 -1.67 17.44
C PRO A 4 -8.59 -0.71 16.24
N CYS A 5 -7.55 -0.68 15.41
CA CYS A 5 -7.42 0.18 14.23
C CYS A 5 -8.36 -0.35 13.14
N LEU A 6 -9.49 0.32 12.88
CA LEU A 6 -10.47 -0.08 11.87
C LEU A 6 -9.98 0.23 10.45
N LEU A 7 -8.97 -0.53 10.03
CA LEU A 7 -8.32 -0.47 8.73
C LEU A 7 -8.81 -1.67 7.90
N SER A 8 -8.24 -1.86 6.72
CA SER A 8 -8.57 -2.93 5.78
C SER A 8 -7.34 -3.76 5.41
N PRO A 9 -7.48 -4.93 4.78
CA PRO A 9 -6.31 -5.68 4.38
C PRO A 9 -5.64 -4.93 3.22
N TRP A 10 -4.32 -5.11 3.03
CA TRP A 10 -3.67 -4.45 1.91
C TRP A 10 -4.15 -5.24 0.68
N SER A 11 -4.56 -4.53 -0.36
CA SER A 11 -5.01 -5.15 -1.58
C SER A 11 -3.79 -5.56 -2.40
N GLU A 12 -3.98 -6.13 -3.57
CA GLU A 12 -2.87 -6.52 -4.44
C GLU A 12 -2.04 -5.30 -4.89
N TRP A 13 -0.82 -5.53 -5.38
CA TRP A 13 0.05 -4.46 -5.86
C TRP A 13 -0.44 -3.98 -7.23
N SER A 14 0.07 -2.83 -7.65
CA SER A 14 -0.20 -2.17 -8.91
C SER A 14 1.16 -2.09 -9.60
N ASP A 15 1.18 -2.07 -10.94
CA ASP A 15 2.39 -2.01 -11.75
C ASP A 15 3.34 -0.90 -11.30
N CYS A 16 4.63 -1.24 -11.31
CA CYS A 16 5.78 -0.43 -10.92
C CYS A 16 5.85 0.91 -11.63
N SER A 17 6.62 1.83 -11.05
CA SER A 17 6.88 3.18 -11.53
C SER A 17 7.98 3.16 -12.60
N VAL A 18 8.16 2.04 -13.31
CA VAL A 18 9.14 1.87 -14.36
C VAL A 18 8.58 0.81 -15.32
N THR A 19 9.08 0.85 -16.54
CA THR A 19 8.74 -0.04 -17.63
C THR A 19 9.79 -1.15 -17.76
N CYS A 20 11.06 -0.85 -17.49
CA CYS A 20 12.17 -1.78 -17.61
C CYS A 20 13.25 -1.47 -16.58
N GLY A 21 14.03 -2.50 -16.23
CA GLY A 21 15.11 -2.43 -15.27
C GLY A 21 14.62 -2.09 -13.86
N LYS A 22 15.55 -1.68 -13.00
CA LYS A 22 15.33 -1.29 -11.60
C LYS A 22 14.08 -0.43 -11.45
N GLY A 23 13.27 -0.67 -10.44
CA GLY A 23 12.06 0.10 -10.23
C GLY A 23 11.57 0.04 -8.80
N MET A 24 10.51 0.80 -8.56
CA MET A 24 9.84 0.90 -7.28
C MET A 24 8.35 0.76 -7.54
N ARG A 25 7.64 0.12 -6.61
CA ARG A 25 6.20 -0.08 -6.68
C ARG A 25 5.63 0.36 -5.35
N THR A 26 4.36 0.76 -5.34
CA THR A 26 3.63 1.19 -4.17
C THR A 26 2.19 0.71 -4.28
N ARG A 27 1.45 0.76 -3.17
CA ARG A 27 0.04 0.38 -3.09
C ARG A 27 -0.56 1.14 -1.91
N GLN A 28 -1.90 1.24 -1.80
CA GLN A 28 -2.51 1.98 -0.70
C GLN A 28 -3.92 1.47 -0.48
N ARG A 29 -4.28 1.27 0.78
CA ARG A 29 -5.58 0.78 1.22
C ARG A 29 -6.42 1.91 1.79
N MET A 30 -7.71 1.66 2.02
CA MET A 30 -8.63 2.66 2.56
C MET A 30 -9.31 2.08 3.79
N LEU A 31 -9.43 2.88 4.85
CA LEU A 31 -10.07 2.52 6.10
C LEU A 31 -11.55 2.13 5.86
N LYS A 32 -12.12 1.45 6.84
CA LYS A 32 -13.52 0.98 6.81
C LYS A 32 -14.29 1.50 8.02
N SER A 33 -13.87 2.66 8.53
CA SER A 33 -14.50 3.31 9.67
C SER A 33 -16.01 3.48 9.40
N LEU A 34 -16.81 3.50 10.46
CA LEU A 34 -18.26 3.69 10.43
C LEU A 34 -18.67 4.87 11.29
N ALA A 35 -17.74 5.35 12.13
CA ALA A 35 -17.96 6.45 13.05
C ALA A 35 -16.71 7.29 13.10
N GLU A 36 -15.62 6.74 13.67
CA GLU A 36 -14.35 7.40 13.83
C GLU A 36 -13.25 6.34 13.82
N LEU A 37 -12.07 6.70 13.35
CA LEU A 37 -10.86 5.90 13.27
C LEU A 37 -9.78 6.92 12.98
N GLY A 38 -8.76 6.94 13.82
CA GLY A 38 -7.65 7.86 13.67
C GLY A 38 -6.63 7.72 14.80
N ASP A 39 -7.01 7.17 15.95
CA ASP A 39 -6.13 6.96 17.12
C ASP A 39 -4.76 6.39 16.72
N CYS A 40 -4.78 5.25 16.04
CA CYS A 40 -3.56 4.57 15.62
C CYS A 40 -2.70 5.36 14.62
N ASN A 41 -3.23 6.33 13.86
CA ASN A 41 -2.48 7.12 12.86
C ASN A 41 -1.67 6.19 11.92
N GLU A 42 -2.15 4.97 11.64
CA GLU A 42 -1.45 4.02 10.78
C GLU A 42 -1.33 4.56 9.36
N ASP A 43 -0.34 4.06 8.65
CA ASP A 43 -0.05 4.46 7.27
C ASP A 43 -0.95 3.72 6.33
N LEU A 44 -1.63 4.41 5.43
CA LEU A 44 -2.54 3.82 4.45
C LEU A 44 -1.79 3.43 3.18
N GLU A 45 -0.48 3.66 3.09
CA GLU A 45 0.37 3.36 1.95
C GLU A 45 1.60 2.52 2.32
N GLN A 46 2.14 1.78 1.34
CA GLN A 46 3.32 0.92 1.39
C GLN A 46 4.13 1.15 0.11
N ALA A 47 5.36 0.66 0.12
CA ALA A 47 6.33 0.71 -0.97
C ALA A 47 7.18 -0.55 -0.94
N GLU A 48 7.71 -0.95 -2.09
CA GLU A 48 8.55 -2.13 -2.24
C GLU A 48 9.38 -1.96 -3.51
N LYS A 49 10.53 -2.63 -3.58
CA LYS A 49 11.39 -2.58 -4.74
C LYS A 49 10.88 -3.59 -5.77
N CYS A 50 11.26 -3.34 -7.02
CA CYS A 50 10.95 -4.20 -8.15
C CYS A 50 12.03 -3.98 -9.22
N MET A 51 12.02 -4.74 -10.30
CA MET A 51 12.97 -4.59 -11.39
C MET A 51 12.39 -5.31 -12.57
N LEU A 52 11.81 -4.55 -13.49
CA LEU A 52 11.22 -5.06 -14.72
C LEU A 52 12.37 -5.62 -15.57
N PRO A 53 12.08 -6.38 -16.64
CA PRO A 53 13.11 -6.92 -17.50
C PRO A 53 13.79 -5.79 -18.28
N GLU A 54 14.76 -6.16 -19.11
CA GLU A 54 15.48 -5.21 -19.95
C GLU A 54 14.47 -4.51 -20.87
N CYS A 55 14.77 -3.24 -21.20
CA CYS A 55 13.93 -2.45 -22.07
C CYS A 55 13.83 -3.20 -23.42
N PRO A 56 12.62 -3.60 -23.86
CA PRO A 56 12.41 -4.34 -25.09
C PRO A 56 12.50 -3.46 -26.34
N GLY A 1 -17.78 -5.18 23.41
CA GLY A 1 -16.45 -4.57 23.47
C GLY A 1 -16.11 -3.91 22.15
N SER A 2 -15.21 -2.92 22.21
CA SER A 2 -14.76 -2.18 21.05
C SER A 2 -13.80 -3.04 20.21
N ILE A 3 -13.36 -2.52 19.08
CA ILE A 3 -12.45 -3.18 18.15
C ILE A 3 -11.28 -2.25 17.84
N PRO A 4 -10.15 -2.78 17.38
CA PRO A 4 -9.02 -1.93 17.07
C PRO A 4 -9.21 -1.31 15.67
N CYS A 5 -8.26 -0.47 15.24
CA CYS A 5 -8.24 0.22 13.94
C CYS A 5 -8.81 -0.67 12.83
N LEU A 6 -10.08 -0.42 12.48
CA LEU A 6 -10.83 -1.15 11.48
C LEU A 6 -10.43 -0.69 10.09
N LEU A 7 -9.34 -1.30 9.62
CA LEU A 7 -8.72 -1.07 8.34
C LEU A 7 -9.09 -2.18 7.40
N SER A 8 -9.47 -1.82 6.18
CA SER A 8 -9.82 -2.80 5.18
C SER A 8 -8.54 -3.51 4.69
N PRO A 9 -8.68 -4.67 4.04
CA PRO A 9 -7.55 -5.39 3.51
C PRO A 9 -6.93 -4.51 2.41
N TRP A 10 -5.62 -4.60 2.23
CA TRP A 10 -4.98 -3.81 1.19
C TRP A 10 -5.43 -4.35 -0.17
N SER A 11 -5.39 -3.48 -1.17
CA SER A 11 -5.72 -3.83 -2.53
C SER A 11 -4.49 -4.61 -3.02
N GLU A 12 -4.48 -4.95 -4.30
CA GLU A 12 -3.38 -5.70 -4.88
C GLU A 12 -2.28 -4.79 -5.42
N TRP A 13 -1.07 -5.31 -5.32
CA TRP A 13 0.14 -4.68 -5.80
C TRP A 13 0.17 -4.70 -7.33
N SER A 14 1.02 -3.85 -7.89
CA SER A 14 1.24 -3.77 -9.31
C SER A 14 2.49 -4.62 -9.60
N ASP A 15 2.86 -4.74 -10.86
CA ASP A 15 4.07 -5.49 -11.22
C ASP A 15 5.20 -4.56 -10.80
N CYS A 16 5.26 -3.37 -11.39
CA CYS A 16 6.22 -2.32 -11.10
C CYS A 16 5.78 -1.07 -11.86
N SER A 17 6.05 0.11 -11.32
CA SER A 17 5.71 1.38 -11.95
C SER A 17 6.79 1.78 -12.99
N VAL A 18 7.52 0.80 -13.54
CA VAL A 18 8.57 0.99 -14.53
C VAL A 18 8.60 -0.24 -15.44
N THR A 19 9.23 -0.10 -16.61
CA THR A 19 9.39 -1.15 -17.62
C THR A 19 10.83 -1.66 -17.65
N CYS A 20 11.77 -0.89 -17.08
CA CYS A 20 13.16 -1.26 -17.08
C CYS A 20 13.91 -0.59 -15.94
N GLY A 21 15.03 -1.21 -15.57
CA GLY A 21 15.94 -0.77 -14.55
C GLY A 21 15.26 -0.69 -13.17
N LYS A 22 15.96 -0.02 -12.25
CA LYS A 22 15.47 0.16 -10.89
C LYS A 22 14.14 0.91 -10.95
N GLY A 23 13.21 0.46 -10.13
CA GLY A 23 11.88 0.99 -10.00
C GLY A 23 11.34 0.65 -8.61
N MET A 24 10.06 0.88 -8.41
CA MET A 24 9.31 0.60 -7.19
C MET A 24 7.85 0.74 -7.55
N ARG A 25 6.99 -0.07 -6.90
CA ARG A 25 5.55 -0.09 -7.09
C ARG A 25 4.90 0.53 -5.88
N THR A 26 3.62 0.83 -5.98
CA THR A 26 2.83 1.43 -4.92
C THR A 26 1.44 0.78 -4.89
N ARG A 27 0.75 0.85 -3.74
CA ARG A 27 -0.60 0.33 -3.53
C ARG A 27 -1.19 1.09 -2.33
N GLN A 28 -2.49 1.35 -2.33
CA GLN A 28 -3.17 2.04 -1.25
C GLN A 28 -4.50 1.38 -0.90
N ARG A 29 -5.03 1.74 0.26
CA ARG A 29 -6.30 1.25 0.79
C ARG A 29 -6.99 2.41 1.48
N MET A 30 -8.19 2.17 1.96
CA MET A 30 -9.00 3.17 2.64
C MET A 30 -9.45 2.58 3.98
N LEU A 31 -9.63 3.45 4.98
CA LEU A 31 -10.08 3.07 6.32
C LEU A 31 -11.56 2.69 6.19
N LYS A 32 -12.10 1.93 7.14
CA LYS A 32 -13.50 1.52 7.10
C LYS A 32 -14.14 1.59 8.48
N SER A 33 -13.55 2.37 9.38
CA SER A 33 -14.09 2.53 10.71
C SER A 33 -15.47 3.19 10.65
N LEU A 34 -16.20 3.09 11.76
CA LEU A 34 -17.53 3.66 11.94
C LEU A 34 -17.43 5.09 12.48
N ALA A 35 -16.23 5.52 12.90
CA ALA A 35 -16.00 6.85 13.46
C ALA A 35 -14.68 7.48 13.06
N GLU A 36 -13.81 6.82 12.27
CA GLU A 36 -12.51 7.33 11.81
C GLU A 36 -11.68 7.80 13.01
N LEU A 37 -11.05 6.82 13.64
CA LEU A 37 -10.19 7.03 14.81
C LEU A 37 -9.00 7.93 14.49
N GLY A 38 -8.28 8.31 15.54
CA GLY A 38 -7.09 9.14 15.51
C GLY A 38 -6.10 8.69 16.58
N ASP A 39 -6.27 7.49 17.12
CA ASP A 39 -5.45 6.89 18.17
C ASP A 39 -4.67 5.68 17.63
N CYS A 40 -4.58 5.53 16.32
CA CYS A 40 -3.87 4.45 15.66
C CYS A 40 -2.89 5.10 14.71
N ASN A 41 -1.71 4.51 14.57
CA ASN A 41 -0.66 5.02 13.71
C ASN A 41 -0.63 4.14 12.44
N GLU A 42 -1.82 3.86 11.91
CA GLU A 42 -2.04 3.03 10.73
C GLU A 42 -1.55 3.65 9.41
N ASP A 43 -1.41 2.80 8.40
CA ASP A 43 -0.94 3.13 7.06
C ASP A 43 -2.10 3.07 6.06
N LEU A 44 -2.06 3.90 5.03
CA LEU A 44 -3.08 3.94 3.97
C LEU A 44 -2.44 3.65 2.62
N GLU A 45 -1.16 3.98 2.42
CA GLU A 45 -0.45 3.75 1.17
C GLU A 45 0.96 3.26 1.48
N GLN A 46 1.49 2.40 0.61
CA GLN A 46 2.82 1.82 0.74
C GLN A 46 3.44 1.61 -0.63
N ALA A 47 4.77 1.52 -0.64
CA ALA A 47 5.62 1.29 -1.79
C ALA A 47 6.57 0.14 -1.51
N GLU A 48 7.07 -0.52 -2.57
CA GLU A 48 8.03 -1.63 -2.46
C GLU A 48 8.94 -1.58 -3.69
N LYS A 49 10.24 -1.82 -3.51
CA LYS A 49 11.16 -1.78 -4.64
C LYS A 49 10.91 -2.96 -5.58
N CYS A 50 11.13 -2.75 -6.86
CA CYS A 50 11.00 -3.74 -7.90
C CYS A 50 11.94 -3.26 -9.00
N MET A 51 12.82 -4.10 -9.52
CA MET A 51 13.79 -3.69 -10.54
C MET A 51 13.60 -4.52 -11.78
N LEU A 52 13.18 -3.85 -12.83
CA LEU A 52 12.97 -4.47 -14.11
C LEU A 52 14.34 -4.67 -14.79
N PRO A 53 14.43 -5.50 -15.83
CA PRO A 53 15.67 -5.75 -16.56
C PRO A 53 16.05 -4.50 -17.37
N GLU A 54 17.06 -4.58 -18.25
CA GLU A 54 17.44 -3.41 -19.04
C GLU A 54 16.26 -2.90 -19.88
N CYS A 55 16.38 -1.66 -20.36
CA CYS A 55 15.38 -1.00 -21.20
C CYS A 55 15.59 -1.29 -22.70
N PRO A 56 14.75 -2.14 -23.31
CA PRO A 56 14.84 -2.47 -24.73
C PRO A 56 14.00 -1.47 -25.54
N GLY A 1 -5.10 -9.95 20.76
CA GLY A 1 -6.26 -9.05 20.83
C GLY A 1 -6.39 -8.27 19.53
N SER A 2 -6.82 -7.00 19.58
CA SER A 2 -6.99 -6.15 18.41
C SER A 2 -6.65 -4.70 18.77
N ILE A 3 -6.97 -3.76 17.87
CA ILE A 3 -6.74 -2.33 17.98
C ILE A 3 -7.99 -1.57 17.54
N PRO A 4 -8.14 -0.28 17.92
CA PRO A 4 -9.30 0.48 17.52
C PRO A 4 -9.30 0.86 16.04
N CYS A 5 -8.10 1.07 15.48
CA CYS A 5 -7.92 1.44 14.07
C CYS A 5 -8.52 0.35 13.20
N LEU A 6 -9.48 0.70 12.34
CA LEU A 6 -10.15 -0.26 11.46
C LEU A 6 -10.08 0.22 10.02
N LEU A 7 -9.32 -0.51 9.22
CA LEU A 7 -9.08 -0.26 7.81
C LEU A 7 -9.37 -1.52 7.02
N SER A 8 -9.57 -1.39 5.71
CA SER A 8 -9.83 -2.52 4.85
C SER A 8 -8.50 -3.25 4.61
N PRO A 9 -8.54 -4.52 4.12
CA PRO A 9 -7.30 -5.21 3.83
C PRO A 9 -6.69 -4.50 2.61
N TRP A 10 -5.37 -4.56 2.47
CA TRP A 10 -4.71 -3.91 1.35
C TRP A 10 -5.22 -4.44 0.01
N SER A 11 -5.10 -3.61 -1.02
CA SER A 11 -5.48 -3.96 -2.36
C SER A 11 -4.32 -4.78 -2.92
N GLU A 12 -4.57 -5.50 -4.00
CA GLU A 12 -3.53 -6.27 -4.64
C GLU A 12 -2.54 -5.27 -5.27
N TRP A 13 -1.25 -5.58 -5.25
CA TRP A 13 -0.20 -4.73 -5.81
C TRP A 13 -0.41 -4.57 -7.33
N SER A 14 0.33 -3.65 -7.94
CA SER A 14 0.32 -3.35 -9.37
C SER A 14 1.78 -3.36 -9.83
N ASP A 15 2.02 -3.08 -11.11
CA ASP A 15 3.36 -3.04 -11.67
C ASP A 15 4.12 -1.85 -11.06
N CYS A 16 5.37 -1.66 -11.46
CA CYS A 16 6.21 -0.59 -10.98
C CYS A 16 6.02 0.69 -11.77
N SER A 17 6.61 1.78 -11.28
CA SER A 17 6.58 3.10 -11.89
C SER A 17 7.70 3.18 -12.93
N VAL A 18 7.99 2.06 -13.61
CA VAL A 18 8.97 1.85 -14.65
C VAL A 18 8.47 0.61 -15.38
N THR A 19 8.83 0.49 -16.65
CA THR A 19 8.47 -0.65 -17.46
C THR A 19 9.64 -1.65 -17.51
N CYS A 20 10.87 -1.18 -17.37
CA CYS A 20 12.07 -2.00 -17.43
C CYS A 20 13.14 -1.55 -16.45
N GLY A 21 14.00 -2.50 -16.10
CA GLY A 21 15.11 -2.33 -15.19
C GLY A 21 14.65 -1.92 -13.78
N LYS A 22 15.61 -1.45 -12.98
CA LYS A 22 15.39 -1.00 -11.60
C LYS A 22 14.21 -0.05 -11.54
N GLY A 23 13.36 -0.25 -10.55
CA GLY A 23 12.16 0.52 -10.31
C GLY A 23 11.61 0.22 -8.92
N MET A 24 10.33 0.49 -8.71
CA MET A 24 9.59 0.24 -7.49
C MET A 24 8.09 0.38 -7.76
N ARG A 25 7.28 -0.27 -6.94
CA ARG A 25 5.82 -0.26 -6.99
C ARG A 25 5.30 0.26 -5.66
N THR A 26 4.03 0.64 -5.58
CA THR A 26 3.44 1.17 -4.36
C THR A 26 1.96 0.84 -4.31
N ARG A 27 1.43 0.46 -3.15
CA ARG A 27 0.01 0.16 -2.98
C ARG A 27 -0.48 0.94 -1.76
N GLN A 28 -1.75 1.32 -1.71
CA GLN A 28 -2.31 2.08 -0.60
C GLN A 28 -3.71 1.61 -0.29
N ARG A 29 -4.18 1.90 0.91
CA ARG A 29 -5.49 1.58 1.41
C ARG A 29 -6.05 2.85 2.05
N MET A 30 -7.29 2.78 2.52
CA MET A 30 -7.97 3.90 3.13
C MET A 30 -8.65 3.44 4.41
N LEU A 31 -8.98 4.40 5.27
CA LEU A 31 -9.68 4.12 6.51
C LEU A 31 -11.02 3.46 6.14
N LYS A 32 -11.45 2.46 6.89
CA LYS A 32 -12.71 1.74 6.67
C LYS A 32 -13.53 1.73 7.95
N SER A 33 -13.30 2.70 8.83
CA SER A 33 -14.00 2.76 10.08
C SER A 33 -15.50 2.96 9.97
N LEU A 34 -16.19 1.85 10.14
CA LEU A 34 -17.62 1.70 10.15
C LEU A 34 -18.22 2.34 11.41
N ALA A 35 -17.39 2.77 12.37
CA ALA A 35 -17.84 3.40 13.60
C ALA A 35 -17.08 4.70 13.80
N GLU A 36 -15.89 4.68 14.42
CA GLU A 36 -15.11 5.89 14.70
C GLU A 36 -13.60 5.61 14.66
N LEU A 37 -12.78 6.66 14.78
CA LEU A 37 -11.32 6.60 14.78
C LEU A 37 -10.82 7.64 15.79
N GLY A 38 -9.53 7.67 16.11
CA GLY A 38 -8.92 8.56 17.05
C GLY A 38 -7.51 8.90 16.60
N ASP A 39 -7.39 9.30 15.34
CA ASP A 39 -6.16 9.71 14.69
C ASP A 39 -5.04 8.68 14.87
N CYS A 40 -5.22 7.54 14.20
CA CYS A 40 -4.29 6.44 14.25
C CYS A 40 -3.05 6.76 13.41
N ASN A 41 -1.96 6.06 13.72
CA ASN A 41 -0.66 6.19 13.09
C ASN A 41 -0.30 4.87 12.39
N GLU A 42 -1.28 4.16 11.84
CA GLU A 42 -1.10 2.88 11.16
C GLU A 42 -0.38 3.06 9.80
N ASP A 43 -0.43 2.02 8.96
CA ASP A 43 0.15 1.95 7.63
C ASP A 43 -0.98 1.96 6.61
N LEU A 44 -1.11 3.09 5.91
CA LEU A 44 -2.09 3.37 4.88
C LEU A 44 -1.45 3.20 3.50
N GLU A 45 -0.13 3.36 3.35
CA GLU A 45 0.57 3.21 2.07
C GLU A 45 1.89 2.46 2.29
N GLN A 46 2.31 1.66 1.32
CA GLN A 46 3.53 0.88 1.31
C GLN A 46 4.13 0.90 -0.08
N ALA A 47 5.44 0.69 -0.13
CA ALA A 47 6.26 0.65 -1.32
C ALA A 47 7.11 -0.60 -1.36
N GLU A 48 7.48 -1.04 -2.56
CA GLU A 48 8.31 -2.20 -2.74
C GLU A 48 9.23 -1.99 -3.92
N LYS A 49 10.54 -1.93 -3.62
CA LYS A 49 11.56 -1.78 -4.63
C LYS A 49 11.46 -2.99 -5.57
N CYS A 50 11.73 -2.78 -6.86
CA CYS A 50 11.65 -3.82 -7.86
C CYS A 50 12.69 -3.60 -8.96
N MET A 51 12.71 -4.48 -9.95
CA MET A 51 13.60 -4.40 -11.09
C MET A 51 12.96 -5.22 -12.19
N LEU A 52 12.27 -4.52 -13.07
CA LEU A 52 11.62 -5.14 -14.22
C LEU A 52 12.74 -5.66 -15.13
N PRO A 53 12.44 -6.55 -16.09
CA PRO A 53 13.44 -7.04 -17.01
C PRO A 53 13.88 -5.87 -17.90
N GLU A 54 14.93 -6.05 -18.71
CA GLU A 54 15.37 -4.98 -19.57
C GLU A 54 14.30 -4.69 -20.63
N CYS A 55 14.21 -3.43 -21.07
CA CYS A 55 13.23 -3.02 -22.07
C CYS A 55 13.39 -3.81 -23.38
N PRO A 56 12.36 -4.54 -23.84
CA PRO A 56 12.41 -5.30 -25.08
C PRO A 56 12.28 -4.33 -26.24
N GLY A 1 -10.22 -0.74 26.69
CA GLY A 1 -8.91 -1.36 26.67
C GLY A 1 -8.31 -1.25 25.28
N SER A 2 -7.53 -2.24 24.89
CA SER A 2 -6.89 -2.25 23.58
C SER A 2 -7.96 -2.45 22.51
N ILE A 3 -7.72 -1.89 21.32
CA ILE A 3 -8.62 -1.97 20.18
C ILE A 3 -7.79 -2.18 18.91
N PRO A 4 -8.36 -2.79 17.88
CA PRO A 4 -7.64 -3.02 16.66
C PRO A 4 -7.72 -1.79 15.75
N CYS A 5 -6.70 -1.60 14.91
CA CYS A 5 -6.71 -0.48 13.97
C CYS A 5 -7.56 -0.95 12.79
N LEU A 6 -8.83 -0.53 12.77
CA LEU A 6 -9.81 -0.85 11.73
C LEU A 6 -9.40 -0.24 10.40
N LEU A 7 -8.50 -0.93 9.71
CA LEU A 7 -7.94 -0.56 8.43
C LEU A 7 -8.30 -1.64 7.45
N SER A 8 -8.79 -1.27 6.27
CA SER A 8 -9.14 -2.26 5.26
C SER A 8 -7.87 -2.99 4.81
N PRO A 9 -7.97 -4.21 4.26
CA PRO A 9 -6.80 -4.92 3.80
C PRO A 9 -6.23 -4.09 2.66
N TRP A 10 -4.90 -4.00 2.58
CA TRP A 10 -4.29 -3.23 1.51
C TRP A 10 -4.72 -3.83 0.17
N SER A 11 -5.03 -2.96 -0.79
CA SER A 11 -5.43 -3.37 -2.12
C SER A 11 -4.31 -4.23 -2.72
N GLU A 12 -4.65 -5.03 -3.70
CA GLU A 12 -3.67 -5.89 -4.34
C GLU A 12 -2.67 -5.00 -5.07
N TRP A 13 -1.38 -5.28 -4.95
CA TRP A 13 -0.33 -4.52 -5.60
C TRP A 13 -0.55 -4.47 -7.11
N SER A 14 -0.33 -3.29 -7.68
CA SER A 14 -0.46 -3.04 -9.10
C SER A 14 0.87 -3.38 -9.77
N ASP A 15 0.92 -3.21 -11.09
CA ASP A 15 2.14 -3.46 -11.86
C ASP A 15 3.14 -2.40 -11.41
N CYS A 16 4.42 -2.74 -11.49
CA CYS A 16 5.47 -1.82 -11.10
C CYS A 16 5.54 -0.65 -12.08
N SER A 17 6.20 0.44 -11.69
CA SER A 17 6.30 1.63 -12.52
C SER A 17 7.27 1.47 -13.66
N VAL A 18 8.54 1.24 -13.37
CA VAL A 18 9.53 1.10 -14.42
C VAL A 18 9.31 -0.24 -15.11
N THR A 19 9.68 -0.29 -16.39
CA THR A 19 9.58 -1.46 -17.24
C THR A 19 10.87 -2.27 -17.19
N CYS A 20 12.01 -1.61 -16.93
CA CYS A 20 13.30 -2.25 -16.85
C CYS A 20 14.21 -1.51 -15.87
N GLY A 21 15.12 -2.24 -15.24
CA GLY A 21 16.07 -1.70 -14.29
C GLY A 21 15.42 -1.32 -12.96
N LYS A 22 16.10 -0.49 -12.17
CA LYS A 22 15.63 -0.02 -10.87
C LYS A 22 14.28 0.66 -10.98
N GLY A 23 13.31 0.18 -10.21
CA GLY A 23 11.95 0.69 -10.15
C GLY A 23 11.27 0.25 -8.85
N MET A 24 9.98 0.55 -8.73
CA MET A 24 9.13 0.22 -7.59
C MET A 24 7.65 0.32 -7.95
N ARG A 25 6.81 -0.25 -7.09
CA ARG A 25 5.36 -0.28 -7.18
C ARG A 25 4.79 0.43 -5.95
N THR A 26 3.51 0.80 -5.98
CA THR A 26 2.83 1.47 -4.89
C THR A 26 1.39 0.97 -4.79
N ARG A 27 0.73 1.22 -3.65
CA ARG A 27 -0.66 0.86 -3.37
C ARG A 27 -1.10 1.67 -2.16
N GLN A 28 -2.40 1.84 -2.00
CA GLN A 28 -2.97 2.59 -0.90
C GLN A 28 -4.28 1.93 -0.46
N ARG A 29 -4.81 2.32 0.69
CA ARG A 29 -6.06 1.80 1.27
C ARG A 29 -6.65 2.85 2.20
N MET A 30 -7.74 2.54 2.88
CA MET A 30 -8.44 3.42 3.82
C MET A 30 -9.03 2.57 4.93
N LEU A 31 -9.45 3.25 6.00
CA LEU A 31 -10.09 2.65 7.15
C LEU A 31 -11.46 2.07 6.76
N LYS A 32 -12.10 1.34 7.67
CA LYS A 32 -13.41 0.75 7.42
C LYS A 32 -14.36 1.02 8.59
N SER A 33 -14.01 1.93 9.48
CA SER A 33 -14.82 2.29 10.64
C SER A 33 -16.13 2.95 10.19
N LEU A 34 -17.16 2.87 11.04
CA LEU A 34 -18.50 3.44 10.81
C LEU A 34 -18.74 4.74 11.59
N ALA A 35 -17.75 5.18 12.36
CA ALA A 35 -17.81 6.39 13.16
C ALA A 35 -16.50 7.15 12.88
N GLU A 36 -15.42 6.74 13.54
CA GLU A 36 -14.07 7.29 13.44
C GLU A 36 -13.08 6.14 13.67
N LEU A 37 -11.77 6.37 13.52
CA LEU A 37 -10.75 5.34 13.75
C LEU A 37 -9.87 5.77 14.91
N GLY A 38 -9.45 7.03 14.96
CA GLY A 38 -8.60 7.56 16.02
C GLY A 38 -7.15 7.76 15.57
N ASP A 39 -6.87 7.53 14.29
CA ASP A 39 -5.56 7.67 13.64
C ASP A 39 -4.52 6.72 14.23
N CYS A 40 -4.43 5.53 13.64
CA CYS A 40 -3.48 4.50 14.03
C CYS A 40 -2.07 4.98 13.68
N ASN A 41 -1.04 4.27 14.15
CA ASN A 41 0.34 4.62 13.84
C ASN A 41 0.69 4.14 12.42
N GLU A 42 -0.13 3.23 11.88
CA GLU A 42 0.00 2.63 10.57
C GLU A 42 -0.24 3.67 9.47
N ASP A 43 0.09 3.27 8.24
CA ASP A 43 -0.03 4.10 7.04
C ASP A 43 -1.19 3.61 6.14
N LEU A 44 -1.58 4.48 5.20
CA LEU A 44 -2.62 4.32 4.20
C LEU A 44 -2.00 4.21 2.80
N GLU A 45 -0.73 4.56 2.60
CA GLU A 45 -0.02 4.45 1.32
C GLU A 45 1.32 3.79 1.60
N GLN A 46 1.71 2.88 0.73
CA GLN A 46 2.96 2.15 0.83
C GLN A 46 3.49 1.87 -0.57
N ALA A 47 4.80 1.67 -0.60
CA ALA A 47 5.56 1.36 -1.80
C ALA A 47 6.35 0.08 -1.56
N GLU A 48 6.88 -0.51 -2.63
CA GLU A 48 7.66 -1.74 -2.56
C GLU A 48 8.61 -1.72 -3.76
N LYS A 49 9.89 -1.96 -3.48
CA LYS A 49 10.98 -2.00 -4.44
C LYS A 49 10.65 -3.08 -5.47
N CYS A 50 10.80 -2.76 -6.76
CA CYS A 50 10.53 -3.69 -7.84
C CYS A 50 11.45 -3.39 -9.02
N MET A 51 12.67 -3.93 -8.97
CA MET A 51 13.65 -3.75 -10.02
C MET A 51 13.35 -4.77 -11.10
N LEU A 52 12.94 -4.29 -12.27
CA LEU A 52 12.63 -5.13 -13.41
C LEU A 52 13.94 -5.56 -14.08
N PRO A 53 13.95 -6.57 -14.97
CA PRO A 53 15.17 -6.97 -15.65
C PRO A 53 15.56 -5.82 -16.59
N GLU A 54 16.77 -5.83 -17.16
CA GLU A 54 17.18 -4.75 -18.07
C GLU A 54 16.37 -4.76 -19.36
N CYS A 55 16.26 -3.61 -20.03
CA CYS A 55 15.50 -3.53 -21.27
C CYS A 55 16.26 -4.24 -22.40
N PRO A 56 15.55 -4.84 -23.38
CA PRO A 56 16.16 -5.52 -24.50
C PRO A 56 16.77 -4.47 -25.43
#